data_4FJ9
#
_entry.id   4FJ9
#
_cell.length_a   75.143
_cell.length_b   119.782
_cell.length_c   130.448
_cell.angle_alpha   90.00
_cell.angle_beta   90.00
_cell.angle_gamma   90.00
#
_symmetry.space_group_name_H-M   'P 21 21 21'
#
loop_
_entity.id
_entity.type
_entity.pdbx_description
1 polymer 'DNA polymerase'
2 polymer 'DNA template'
3 polymer 'DNA primer'
4 non-polymer "THYMIDINE-5'-TRIPHOSPHATE"
5 non-polymer 'CALCIUM ION'
6 water water
#
loop_
_entity_poly.entity_id
_entity_poly.type
_entity_poly.pdbx_seq_one_letter_code
_entity_poly.pdbx_strand_id
1 'polypeptide(L)'
;MKEFYLTVEQIGDSIFERYIDSNGRERTREVEYKPSLFAHCPESQATKYFDIYGKPCTRKLFANMRDASQWIKRMEDIGL
EALGMDDFKLAYLSDTYNYEIKYDHTKIRVANFDIEVTSPDGFPEPSQAKHPIDAITHYDSIDDRFYVFDLLNSPYGNVE
EWSIEIAAKLQEQGGDEVPSEIIDKIIYMPFDNEKELLMEYLNFWQQKTPVILTGWNVESFAIPYVYNRIKNIFGESTAK
RLSPHRKTRVKVIENMYGSREIITLFGISVLDYIDLYKKFSFTNQPSYSLDYISEFELNVGKLKYDGPISKLRESNHQRY
ISYNIIAVYRVLQIDAKRQFINLSLDMGYYAKIQIQSVFSPIKTWDAIIFNSLKEQNKVIPQGRSHPVQPYPGAFVKEPI
PNRYKYVMSFDLTSAYPSIIRQVNISPETIAGTFKVAPLHDYINAVAERPSDVYSCSPNGMMYYKDRDGVVPTEITKVFN
QRKEHKGYMLAAQRNGEIIKEALHNPNLSVDEPLDVDYRFDFSDEIKEKIKKLSAKSLNEMLFRAQRTEVAGMTAQINRK
ALINGLAGALGNVWFRYYDLRNATAITTFGQMALQWIERKVNEYLNEVCGTEGEAFVLYGDTDSIYVSADKIIDKVGESK
FRDTNHWVDFLDKFARERMEPAIDRGFREMCEYMNNKQHLMFMDREAIAGPPLGSKGIGGFWTGKKRYALNVWDMEGTRY
AEPKLKIMGLETQKSSTPKAVQKALKECIRRMLQEGEESLQEYFKEFEKEFRQLNYISIASVSSANNIAKYDVGGFPGPK
CPFHIRGILTYNRAIKGNIDAPQVVEGEKVYVLPLREGNPFGDKCIAWPSGTEITDLIKDDVLHWMDYTVLLEKTFIKPL
EGFTSAAKLDYEKKASLFDMFDF
;
A
2 'polydeoxyribonucleotide' (DC)(DG)(DT)(DC)(DT)(DA)(DA)(DG)(DC)(DA)(DG)(DT)(DC)(DC)(DG)(DC)(DG) T
3 'polydeoxyribonucleotide' (DG)(DC)(DG)(DG)(DA)(DC)(DT)(DG)(DC)(DT)(DT)(DA)(DG) P
#
loop_
_chem_comp.id
_chem_comp.type
_chem_comp.name
_chem_comp.formula
CA non-polymer 'CALCIUM ION' 'Ca 2'
DA DNA linking 2'-DEOXYADENOSINE-5'-MONOPHOSPHATE 'C10 H14 N5 O6 P'
DC DNA linking 2'-DEOXYCYTIDINE-5'-MONOPHOSPHATE 'C9 H14 N3 O7 P'
DG DNA linking 2'-DEOXYGUANOSINE-5'-MONOPHOSPHATE 'C10 H14 N5 O7 P'
DT DNA linking THYMIDINE-5'-MONOPHOSPHATE 'C10 H15 N2 O8 P'
TTP non-polymer THYMIDINE-5'-TRIPHOSPHATE 'C10 H17 N2 O14 P3'
#
# COMPACT_ATOMS: atom_id res chain seq x y z
N MET A 1 25.96 -12.62 -20.51
CA MET A 1 24.61 -12.23 -20.05
C MET A 1 23.92 -11.29 -21.04
N LYS A 2 22.59 -11.32 -21.04
CA LYS A 2 21.79 -10.41 -21.86
C LYS A 2 21.86 -9.00 -21.27
N GLU A 3 21.91 -8.00 -22.14
CA GLU A 3 21.96 -6.62 -21.69
C GLU A 3 20.62 -6.19 -21.10
N PHE A 4 20.66 -5.18 -20.23
CA PHE A 4 19.45 -4.54 -19.71
C PHE A 4 19.71 -3.08 -19.38
N TYR A 5 18.71 -2.22 -19.63
CA TYR A 5 18.81 -0.79 -19.36
C TYR A 5 18.84 -0.52 -17.86
N LEU A 6 19.42 0.61 -17.48
CA LEU A 6 19.32 1.09 -16.12
C LEU A 6 18.36 2.28 -16.10
N THR A 7 18.63 3.26 -16.95
CA THR A 7 17.78 4.44 -17.08
C THR A 7 17.72 4.85 -18.53
N VAL A 8 16.68 5.58 -18.90
CA VAL A 8 16.55 6.10 -20.25
C VAL A 8 15.94 7.50 -20.20
N GLU A 9 16.47 8.43 -21.00
CA GLU A 9 15.91 9.77 -21.06
C GLU A 9 15.81 10.25 -22.49
N GLN A 10 14.82 11.10 -22.77
CA GLN A 10 14.83 11.86 -24.03
C GLN A 10 15.36 13.25 -23.72
N ILE A 11 16.46 13.62 -24.37
CA ILE A 11 16.94 15.01 -24.31
C ILE A 11 17.04 15.54 -25.74
N GLY A 12 16.11 16.42 -26.10
CA GLY A 12 15.98 16.88 -27.49
C GLY A 12 15.82 15.71 -28.44
N ASP A 13 16.73 15.63 -29.40
CA ASP A 13 16.66 14.57 -30.42
C ASP A 13 17.49 13.34 -30.09
N SER A 14 17.94 13.26 -28.84
CA SER A 14 18.75 12.14 -28.40
C SER A 14 18.08 11.33 -27.31
N ILE A 15 18.25 10.01 -27.38
CA ILE A 15 17.97 9.15 -26.25
C ILE A 15 19.29 9.01 -25.51
N PHE A 16 19.27 9.28 -24.21
CA PHE A 16 20.40 8.99 -23.34
C PHE A 16 20.04 7.76 -22.51
N GLU A 17 20.88 6.73 -22.61
CA GLU A 17 20.61 5.47 -21.92
C GLU A 17 21.83 5.04 -21.12
N ARG A 18 21.61 4.71 -19.86
CA ARG A 18 22.60 4.02 -19.06
C ARG A 18 22.16 2.57 -19.06
N TYR A 19 23.09 1.64 -19.25
CA TYR A 19 22.71 0.22 -19.33
C TYR A 19 23.83 -0.69 -18.82
N ILE A 20 23.49 -1.96 -18.62
CA ILE A 20 24.46 -2.98 -18.31
C ILE A 20 24.72 -3.75 -19.60
N ASP A 21 25.98 -3.78 -20.03
CA ASP A 21 26.34 -4.44 -21.28
C ASP A 21 26.47 -5.94 -21.12
N SER A 22 26.75 -6.63 -22.24
CA SER A 22 26.79 -8.09 -22.28
C SER A 22 27.88 -8.69 -21.38
N ASN A 23 28.78 -7.82 -20.89
CA ASN A 23 29.86 -8.22 -19.98
C ASN A 23 29.61 -7.83 -18.53
N GLY A 24 28.44 -7.23 -18.27
CA GLY A 24 28.08 -6.84 -16.91
C GLY A 24 28.65 -5.50 -16.47
N ARG A 25 29.22 -4.76 -17.41
CA ARG A 25 29.72 -3.41 -17.14
C ARG A 25 28.61 -2.37 -17.29
N GLU A 26 28.65 -1.34 -16.44
CA GLU A 26 27.80 -0.19 -16.66
C GLU A 26 28.35 0.72 -17.75
N ARG A 27 27.46 1.10 -18.68
CA ARG A 27 27.82 1.95 -19.83
C ARG A 27 26.79 3.06 -19.98
N THR A 28 27.13 4.08 -20.77
CA THR A 28 26.21 5.13 -21.15
C THR A 28 26.36 5.35 -22.65
N ARG A 29 25.24 5.60 -23.32
CA ARG A 29 25.28 5.94 -24.75
C ARG A 29 24.24 6.98 -25.12
N GLU A 30 24.56 7.76 -26.15
CA GLU A 30 23.65 8.71 -26.74
C GLU A 30 23.25 8.17 -28.11
N VAL A 31 21.95 8.02 -28.33
CA VAL A 31 21.44 7.43 -29.56
C VAL A 31 20.45 8.39 -30.23
N GLU A 32 20.71 8.74 -31.50
CA GLU A 32 19.81 9.62 -32.26
C GLU A 32 18.65 8.81 -32.85
N TYR A 33 17.75 8.39 -31.97
CA TYR A 33 16.68 7.46 -32.27
C TYR A 33 15.65 8.06 -33.22
N LYS A 34 15.37 7.36 -34.31
CA LYS A 34 14.36 7.80 -35.26
C LYS A 34 13.05 7.10 -34.92
N PRO A 35 12.06 7.84 -34.41
CA PRO A 35 10.83 7.15 -34.03
C PRO A 35 9.93 6.91 -35.23
N SER A 36 9.01 5.96 -35.09
CA SER A 36 7.95 5.77 -36.07
C SER A 36 6.61 5.99 -35.44
N LEU A 37 5.72 6.61 -36.20
CA LEU A 37 4.32 6.73 -35.84
C LEU A 37 3.53 6.26 -37.06
N PHE A 38 2.21 6.34 -36.99
CA PHE A 38 1.39 5.65 -37.98
C PHE A 38 0.18 6.50 -38.36
N ALA A 39 -0.28 6.32 -39.59
CA ALA A 39 -1.54 6.90 -40.04
C ALA A 39 -2.36 5.80 -40.71
N HIS A 40 -3.68 5.94 -40.66
CA HIS A 40 -4.54 5.05 -41.43
C HIS A 40 -4.25 5.25 -42.89
N CYS A 41 -4.36 4.18 -43.67
CA CYS A 41 -4.13 4.23 -45.11
C CYS A 41 -5.19 3.40 -45.85
N PRO A 42 -5.29 3.54 -47.20
CA PRO A 42 -6.28 2.76 -47.96
C PRO A 42 -5.98 1.25 -47.92
N GLU A 43 -7.03 0.44 -48.09
CA GLU A 43 -6.89 -1.02 -48.06
C GLU A 43 -6.06 -1.52 -49.24
N SER A 44 -6.19 -0.84 -50.37
CA SER A 44 -5.43 -1.11 -51.58
C SER A 44 -3.92 -1.04 -51.37
N GLN A 45 -3.50 -0.31 -50.34
CA GLN A 45 -2.08 -0.15 -50.00
C GLN A 45 -1.60 -1.31 -49.13
N ALA A 46 -0.60 -2.04 -49.63
CA ALA A 46 -0.03 -3.22 -48.97
C ALA A 46 0.81 -2.85 -47.74
N THR A 47 0.42 -3.39 -46.59
CA THR A 47 1.13 -3.13 -45.35
C THR A 47 1.11 -4.33 -44.40
N LYS A 48 2.05 -4.35 -43.47
CA LYS A 48 2.05 -5.34 -42.40
C LYS A 48 1.57 -4.73 -41.07
N TYR A 49 1.27 -3.44 -41.06
CA TYR A 49 0.81 -2.77 -39.84
C TYR A 49 -0.69 -2.53 -39.84
N PHE A 50 -1.34 -2.98 -38.77
CA PHE A 50 -2.78 -2.81 -38.57
C PHE A 50 -3.09 -2.24 -37.19
N ASP A 51 -4.09 -1.36 -37.11
CA ASP A 51 -4.54 -0.88 -35.80
C ASP A 51 -5.31 -1.98 -35.06
N ILE A 52 -5.71 -1.72 -33.82
CA ILE A 52 -6.28 -2.80 -33.00
C ILE A 52 -7.62 -3.33 -33.51
N TYR A 53 -8.27 -2.55 -34.37
CA TYR A 53 -9.55 -2.91 -34.98
C TYR A 53 -9.39 -3.54 -36.36
N GLY A 54 -8.14 -3.78 -36.77
CA GLY A 54 -7.84 -4.42 -38.06
C GLY A 54 -7.80 -3.51 -39.28
N LYS A 55 -7.83 -2.19 -39.07
CA LYS A 55 -7.72 -1.24 -40.18
C LYS A 55 -6.23 -1.03 -40.53
N PRO A 56 -5.88 -1.08 -41.83
CA PRO A 56 -4.48 -0.99 -42.27
C PRO A 56 -3.86 0.37 -41.96
N CYS A 57 -2.56 0.36 -41.67
CA CYS A 57 -1.81 1.56 -41.31
C CYS A 57 -0.52 1.67 -42.09
N THR A 58 -0.13 2.90 -42.42
CA THR A 58 1.19 3.12 -42.96
C THR A 58 2.13 3.63 -41.86
N ARG A 59 3.39 3.20 -41.92
CA ARG A 59 4.37 3.64 -40.94
C ARG A 59 5.08 4.90 -41.41
N LYS A 60 5.20 5.88 -40.54
CA LYS A 60 5.98 7.07 -40.85
C LYS A 60 7.23 7.13 -40.01
N LEU A 61 8.38 7.10 -40.68
CA LEU A 61 9.67 7.15 -40.00
C LEU A 61 10.15 8.58 -40.03
N PHE A 62 10.48 9.13 -38.87
CA PHE A 62 10.87 10.53 -38.76
C PHE A 62 12.37 10.72 -38.66
N ALA A 63 12.86 11.82 -39.22
CA ALA A 63 14.28 12.17 -39.14
C ALA A 63 14.75 12.31 -37.70
N ASN A 64 13.85 12.66 -36.79
CA ASN A 64 14.17 12.86 -35.39
C ASN A 64 12.90 12.95 -34.54
N MET A 65 13.05 12.93 -33.23
CA MET A 65 11.90 12.92 -32.33
C MET A 65 11.08 14.23 -32.35
N ARG A 66 11.75 15.36 -32.51
CA ARG A 66 11.02 16.63 -32.61
C ARG A 66 10.13 16.69 -33.86
N ASP A 67 10.58 16.10 -34.96
CA ASP A 67 9.75 16.02 -36.16
C ASP A 67 8.50 15.19 -35.90
N ALA A 68 8.67 14.07 -35.21
CA ALA A 68 7.56 13.19 -34.86
C ALA A 68 6.52 13.90 -33.98
N SER A 69 7.00 14.63 -32.97
CA SER A 69 6.16 15.45 -32.12
C SER A 69 5.43 16.55 -32.89
N GLN A 70 6.13 17.20 -33.82
CA GLN A 70 5.50 18.25 -34.62
C GLN A 70 4.44 17.67 -35.54
N TRP A 71 4.69 16.48 -36.05
CA TRP A 71 3.72 15.76 -36.86
C TRP A 71 2.45 15.48 -36.10
N ILE A 72 2.57 15.02 -34.86
CA ILE A 72 1.39 14.79 -34.03
C ILE A 72 0.56 16.08 -33.93
N LYS A 73 1.22 17.20 -33.61
CA LYS A 73 0.53 18.51 -33.55
C LYS A 73 -0.25 18.83 -34.83
N ARG A 74 0.38 18.68 -35.99
CA ARG A 74 -0.29 19.00 -37.26
C ARG A 74 -1.44 18.05 -37.56
N MET A 75 -1.33 16.80 -37.11
CA MET A 75 -2.42 15.82 -37.26
C MET A 75 -3.65 16.22 -36.44
N GLU A 76 -3.43 16.76 -35.25
CA GLU A 76 -4.51 17.36 -34.46
C GLU A 76 -5.10 18.57 -35.20
N ASP A 77 -4.24 19.46 -35.71
CA ASP A 77 -4.69 20.60 -36.50
C ASP A 77 -5.58 20.19 -37.68
N ILE A 78 -5.19 19.11 -38.37
CA ILE A 78 -5.97 18.58 -39.48
C ILE A 78 -7.20 17.83 -38.98
N GLY A 79 -7.07 17.21 -37.80
CA GLY A 79 -8.17 16.47 -37.20
C GLY A 79 -8.17 15.00 -37.58
N LEU A 80 -6.97 14.43 -37.65
CA LEU A 80 -6.81 13.02 -37.99
C LEU A 80 -6.00 12.34 -36.91
N GLU A 81 -6.32 11.08 -36.64
CA GLU A 81 -5.63 10.32 -35.60
C GLU A 81 -4.16 10.06 -35.96
N ALA A 82 -3.28 10.39 -35.02
CA ALA A 82 -1.86 10.05 -35.10
C ALA A 82 -1.58 8.87 -34.17
N LEU A 83 -1.39 7.69 -34.76
CA LEU A 83 -1.30 6.44 -34.01
C LEU A 83 0.15 6.12 -33.64
N GLY A 84 0.32 5.24 -32.65
CA GLY A 84 1.64 4.83 -32.22
C GLY A 84 2.06 5.35 -30.86
N MET A 85 3.17 4.83 -30.37
CA MET A 85 3.67 5.19 -29.05
C MET A 85 4.32 6.57 -29.11
N ASP A 86 3.68 7.54 -28.48
CA ASP A 86 4.11 8.94 -28.54
C ASP A 86 5.16 9.25 -27.47
N ASP A 87 5.31 8.35 -26.49
CA ASP A 87 6.41 8.44 -25.53
C ASP A 87 7.60 7.70 -26.12
N PHE A 88 8.48 8.44 -26.77
CA PHE A 88 9.50 7.86 -27.62
C PHE A 88 10.50 6.99 -26.87
N LYS A 89 10.73 7.28 -25.59
CA LYS A 89 11.63 6.38 -24.85
C LYS A 89 11.05 4.99 -24.57
N LEU A 90 9.72 4.88 -24.46
CA LEU A 90 9.12 3.55 -24.34
C LEU A 90 9.28 2.79 -25.65
N ALA A 91 9.17 3.49 -26.78
CA ALA A 91 9.38 2.85 -28.09
C ALA A 91 10.85 2.46 -28.24
N TYR A 92 11.77 3.33 -27.80
CA TYR A 92 13.20 3.02 -27.81
C TYR A 92 13.51 1.74 -27.03
N LEU A 93 12.99 1.64 -25.81
CA LEU A 93 13.21 0.46 -24.97
C LEU A 93 12.64 -0.78 -25.62
N SER A 94 11.48 -0.63 -26.26
CA SER A 94 10.83 -1.74 -26.92
C SER A 94 11.64 -2.27 -28.11
N ASP A 95 12.30 -1.36 -28.84
CA ASP A 95 13.14 -1.73 -29.98
C ASP A 95 14.47 -2.34 -29.52
N THR A 96 14.99 -1.82 -28.41
CA THR A 96 16.33 -2.14 -27.95
C THR A 96 16.33 -3.42 -27.12
N TYR A 97 15.26 -3.66 -26.36
CA TYR A 97 15.14 -4.87 -25.54
C TYR A 97 13.93 -5.69 -25.93
N ASN A 98 13.99 -6.22 -27.15
CA ASN A 98 12.88 -6.98 -27.72
C ASN A 98 12.84 -8.44 -27.24
N TYR A 99 12.91 -8.61 -25.92
CA TYR A 99 12.85 -9.92 -25.28
C TYR A 99 12.45 -9.69 -23.83
N GLU A 100 12.08 -10.75 -23.14
CA GLU A 100 11.82 -10.68 -21.71
C GLU A 100 13.12 -10.36 -20.98
N ILE A 101 13.14 -9.22 -20.30
CA ILE A 101 14.37 -8.79 -19.64
C ILE A 101 14.70 -9.63 -18.40
N LYS A 102 15.94 -10.10 -18.36
CA LYS A 102 16.46 -10.80 -17.20
C LYS A 102 17.49 -9.85 -16.60
N TYR A 103 17.20 -9.34 -15.41
CA TYR A 103 18.11 -8.38 -14.80
C TYR A 103 18.87 -8.97 -13.62
N ASP A 104 19.99 -8.34 -13.30
CA ASP A 104 20.85 -8.78 -12.21
C ASP A 104 20.99 -7.60 -11.27
N HIS A 105 20.27 -7.65 -10.16
CA HIS A 105 20.23 -6.56 -9.20
C HIS A 105 21.58 -6.19 -8.64
N THR A 106 22.52 -7.14 -8.63
CA THR A 106 23.86 -6.91 -8.05
C THR A 106 24.65 -5.91 -8.90
N LYS A 107 24.23 -5.72 -10.14
CA LYS A 107 24.85 -4.72 -11.04
C LYS A 107 24.19 -3.34 -10.96
N ILE A 108 23.06 -3.25 -10.26
CA ILE A 108 22.32 -1.98 -10.22
C ILE A 108 22.73 -1.19 -8.99
N ARG A 109 23.16 0.05 -9.20
CA ARG A 109 23.64 0.87 -8.09
C ARG A 109 22.47 1.52 -7.39
N VAL A 110 22.14 1.00 -6.22
CA VAL A 110 21.05 1.51 -5.43
C VAL A 110 21.63 2.37 -4.31
N ALA A 111 21.34 3.66 -4.36
CA ALA A 111 21.83 4.58 -3.36
C ALA A 111 20.73 5.03 -2.39
N ASN A 112 21.09 5.04 -1.12
CA ASN A 112 20.19 5.40 -0.03
C ASN A 112 20.89 6.50 0.73
N PHE A 113 20.34 7.71 0.73
CA PHE A 113 20.98 8.79 1.48
C PHE A 113 20.06 9.61 2.37
N ASP A 114 20.67 10.37 3.27
CA ASP A 114 19.95 11.27 4.18
C ASP A 114 20.90 12.42 4.47
N ILE A 115 20.37 13.63 4.57
CA ILE A 115 21.21 14.79 4.90
C ILE A 115 20.75 15.42 6.22
N GLU A 116 21.64 16.17 6.87
CA GLU A 116 21.28 16.96 8.03
C GLU A 116 21.56 18.41 7.72
N VAL A 117 20.73 19.31 8.27
CA VAL A 117 20.84 20.75 8.04
C VAL A 117 20.41 21.45 9.33
N THR A 118 21.35 22.06 10.02
CA THR A 118 21.03 22.83 11.22
C THR A 118 20.34 24.14 10.83
N SER A 119 19.19 24.41 11.45
CA SER A 119 18.41 25.60 11.14
C SER A 119 17.79 26.23 12.38
N PRO A 120 18.28 27.43 12.79
CA PRO A 120 17.77 28.13 13.96
C PRO A 120 16.39 28.79 13.76
N ASP A 121 16.11 29.25 12.54
CA ASP A 121 14.86 29.96 12.27
C ASP A 121 13.79 29.10 11.59
N GLY A 122 13.62 27.88 12.10
CA GLY A 122 12.55 27.00 11.65
C GLY A 122 12.97 26.00 10.59
N PHE A 123 11.96 25.39 9.95
CA PHE A 123 12.18 24.38 8.94
C PHE A 123 13.03 24.90 7.78
N PRO A 124 14.10 24.17 7.44
CA PRO A 124 14.97 24.58 6.33
C PRO A 124 14.33 24.27 4.96
N GLU A 125 13.75 25.31 4.35
CA GLU A 125 13.05 25.18 3.07
C GLU A 125 13.99 24.83 1.92
N PRO A 126 13.74 23.69 1.24
CA PRO A 126 14.63 23.27 0.15
C PRO A 126 14.77 24.29 -0.96
N SER A 127 13.69 25.02 -1.29
CA SER A 127 13.69 25.98 -2.40
C SER A 127 14.57 27.21 -2.13
N GLN A 128 14.85 27.47 -0.85
CA GLN A 128 15.74 28.55 -0.46
C GLN A 128 17.16 28.03 -0.18
N ALA A 129 17.26 26.85 0.46
CA ALA A 129 18.54 26.27 0.89
C ALA A 129 19.52 27.28 1.48
N LYS A 130 19.11 28.03 2.50
CA LYS A 130 19.95 29.11 3.00
C LYS A 130 20.84 28.72 4.18
N HIS A 131 20.71 27.47 4.63
CA HIS A 131 21.57 26.96 5.71
C HIS A 131 22.53 25.91 5.24
N PRO A 132 23.71 25.82 5.87
CA PRO A 132 24.69 24.82 5.45
C PRO A 132 24.20 23.37 5.56
N ILE A 133 24.67 22.53 4.67
CA ILE A 133 24.49 21.09 4.81
C ILE A 133 25.64 20.64 5.69
N ASP A 134 25.33 20.05 6.84
CA ASP A 134 26.37 19.73 7.81
C ASP A 134 26.60 18.23 8.03
N ALA A 135 25.81 17.40 7.37
CA ALA A 135 26.07 15.96 7.33
C ALA A 135 25.36 15.31 6.16
N ILE A 136 26.06 14.41 5.46
CA ILE A 136 25.44 13.49 4.50
C ILE A 136 25.91 12.07 4.78
N THR A 137 24.97 11.12 4.91
CA THR A 137 25.29 9.71 4.89
C THR A 137 24.67 9.09 3.64
N HIS A 138 25.50 8.38 2.88
CA HIS A 138 25.14 7.90 1.56
C HIS A 138 25.61 6.48 1.48
N TYR A 139 24.65 5.56 1.50
CA TYR A 139 24.93 4.13 1.37
C TYR A 139 24.87 3.69 -0.08
N ASP A 140 25.88 2.92 -0.50
CA ASP A 140 25.97 2.41 -1.85
C ASP A 140 25.82 0.88 -1.84
N SER A 141 24.85 0.37 -2.59
CA SER A 141 24.54 -1.07 -2.58
C SER A 141 25.63 -1.93 -3.23
N ILE A 142 26.34 -1.37 -4.20
CA ILE A 142 27.42 -2.09 -4.86
C ILE A 142 28.64 -2.24 -3.95
N ASP A 143 29.08 -1.13 -3.34
CA ASP A 143 30.18 -1.18 -2.39
C ASP A 143 29.77 -1.82 -1.06
N ASP A 144 28.49 -1.73 -0.74
CA ASP A 144 27.97 -2.11 0.57
C ASP A 144 28.65 -1.27 1.67
N ARG A 145 28.77 0.02 1.43
CA ARG A 145 29.40 0.91 2.40
C ARG A 145 28.53 2.13 2.70
N PHE A 146 28.62 2.62 3.94
CA PHE A 146 27.99 3.89 4.34
C PHE A 146 29.05 4.97 4.27
N TYR A 147 28.90 5.89 3.31
CA TYR A 147 29.84 7.01 3.16
C TYR A 147 29.32 8.21 3.95
N VAL A 148 30.08 8.62 4.96
CA VAL A 148 29.67 9.69 5.89
C VAL A 148 30.51 10.95 5.63
N PHE A 149 29.80 12.01 5.24
CA PHE A 149 30.39 13.31 4.97
C PHE A 149 29.96 14.22 6.11
N ASP A 150 30.94 14.64 6.93
CA ASP A 150 30.69 15.33 8.21
C ASP A 150 31.30 16.73 8.23
N LEU A 151 30.47 17.76 8.37
CA LEU A 151 30.99 19.14 8.43
C LEU A 151 31.38 19.51 9.86
N LEU A 152 32.65 19.84 10.04
CA LEU A 152 33.18 20.17 11.38
C LEU A 152 33.11 21.65 11.72
N ASN A 153 33.08 22.49 10.68
CA ASN A 153 33.05 23.94 10.84
C ASN A 153 31.90 24.57 10.06
N SER A 154 31.08 25.32 10.80
CA SER A 154 29.84 25.89 10.29
C SER A 154 29.66 27.22 11.00
N PRO A 155 28.94 28.17 10.38
CA PRO A 155 28.54 29.37 11.13
C PRO A 155 27.72 29.04 12.38
N TYR A 156 27.07 27.87 12.41
CA TYR A 156 26.29 27.48 13.58
C TYR A 156 27.07 26.69 14.62
N GLY A 157 28.39 26.62 14.46
CA GLY A 157 29.26 26.00 15.47
C GLY A 157 30.36 25.11 14.93
N ASN A 158 31.52 25.16 15.56
CA ASN A 158 32.62 24.26 15.23
C ASN A 158 32.64 23.06 16.18
N VAL A 159 32.78 21.86 15.61
CA VAL A 159 32.69 20.64 16.40
C VAL A 159 33.92 19.73 16.24
N GLU A 160 34.01 18.72 17.10
CA GLU A 160 35.05 17.69 17.02
C GLU A 160 34.61 16.55 16.11
N GLU A 161 35.58 15.80 15.59
CA GLU A 161 35.31 14.62 14.79
C GLU A 161 34.41 13.62 15.50
N TRP A 162 33.55 12.98 14.74
CA TRP A 162 32.73 11.88 15.23
C TRP A 162 33.61 10.70 15.56
N SER A 163 33.29 10.01 16.65
CA SER A 163 34.05 8.84 17.09
C SER A 163 33.31 7.52 16.84
N ILE A 164 33.90 6.67 16.00
CA ILE A 164 33.28 5.38 15.72
C ILE A 164 33.24 4.47 16.96
N GLU A 165 34.19 4.68 17.87
CA GLU A 165 34.31 3.89 19.09
C GLU A 165 33.15 4.17 20.04
N ILE A 166 32.81 5.44 20.20
CA ILE A 166 31.68 5.83 21.02
C ILE A 166 30.37 5.43 20.34
N ALA A 167 30.32 5.54 19.01
CA ALA A 167 29.12 5.17 18.27
C ALA A 167 28.72 3.71 18.44
N ALA A 168 29.73 2.83 18.53
CA ALA A 168 29.49 1.40 18.69
C ALA A 168 29.01 0.99 20.09
N LYS A 169 29.35 1.79 21.11
CA LYS A 169 29.02 1.46 22.50
C LYS A 169 27.51 1.54 22.77
N LEU A 170 27.06 0.78 23.76
CA LEU A 170 25.66 0.83 24.21
C LEU A 170 25.27 2.23 24.67
N GLN A 171 23.98 2.56 24.53
CA GLN A 171 23.41 3.80 25.06
C GLN A 171 23.73 3.90 26.55
N GLU A 172 23.67 2.75 27.22
CA GLU A 172 23.97 2.61 28.64
C GLU A 172 25.45 2.83 28.99
N GLN A 173 26.31 2.80 27.97
CA GLN A 173 27.72 3.15 28.12
C GLN A 173 27.96 4.60 27.70
N GLY A 174 26.89 5.31 27.35
CA GLY A 174 27.03 6.65 26.79
C GLY A 174 27.22 6.64 25.28
N GLY A 175 27.02 5.48 24.66
CA GLY A 175 27.22 5.35 23.22
C GLY A 175 25.97 5.63 22.41
N ASP A 176 26.05 5.36 21.11
CA ASP A 176 24.92 5.64 20.22
C ASP A 176 24.28 4.36 19.71
N GLU A 177 24.86 3.21 20.06
CA GLU A 177 24.39 1.88 19.63
C GLU A 177 24.20 1.74 18.13
N VAL A 178 25.11 2.30 17.36
CA VAL A 178 25.17 2.03 15.93
C VAL A 178 25.41 0.53 15.82
N PRO A 179 24.50 -0.18 15.11
CA PRO A 179 24.53 -1.65 15.07
C PRO A 179 25.91 -2.14 14.65
N SER A 180 26.38 -3.18 15.34
CA SER A 180 27.73 -3.70 15.10
C SER A 180 27.90 -4.25 13.68
N GLU A 181 26.83 -4.81 13.10
CA GLU A 181 26.88 -5.33 11.73
C GLU A 181 27.13 -4.28 10.64
N ILE A 182 27.00 -2.99 10.97
CA ILE A 182 27.38 -1.94 10.01
C ILE A 182 28.63 -1.14 10.41
N ILE A 183 29.10 -1.32 11.64
CA ILE A 183 30.26 -0.58 12.14
C ILE A 183 31.44 -0.61 11.15
N ASP A 184 31.78 -1.81 10.68
CA ASP A 184 32.92 -2.00 9.77
C ASP A 184 32.64 -1.55 8.34
N LYS A 185 31.41 -1.13 8.06
CA LYS A 185 31.02 -0.73 6.71
C LYS A 185 30.96 0.79 6.56
N ILE A 186 31.40 1.52 7.58
CA ILE A 186 31.32 2.98 7.58
C ILE A 186 32.65 3.59 7.13
N ILE A 187 32.56 4.51 6.17
CA ILE A 187 33.70 5.22 5.65
C ILE A 187 33.51 6.69 5.99
N TYR A 188 34.25 7.16 6.99
CA TYR A 188 34.00 8.45 7.60
C TYR A 188 34.93 9.53 7.07
N MET A 189 34.35 10.64 6.61
CA MET A 189 35.10 11.74 6.02
C MET A 189 34.73 13.09 6.65
N PRO A 190 35.57 13.60 7.56
CA PRO A 190 35.33 14.94 8.12
C PRO A 190 35.81 16.05 7.18
N PHE A 191 35.13 17.20 7.19
CA PHE A 191 35.53 18.31 6.33
C PHE A 191 35.65 19.60 7.10
N ASP A 192 36.67 20.37 6.72
CA ASP A 192 36.97 21.68 7.27
C ASP A 192 35.93 22.75 6.92
N ASN A 193 35.29 22.61 5.76
CA ASN A 193 34.29 23.59 5.34
C ASN A 193 33.29 22.97 4.37
N GLU A 194 32.16 23.66 4.18
CA GLU A 194 31.03 23.13 3.43
C GLU A 194 31.31 23.03 1.94
N LYS A 195 32.07 23.98 1.40
CA LYS A 195 32.46 23.93 -0.01
C LYS A 195 33.23 22.66 -0.35
N GLU A 196 34.20 22.30 0.49
CA GLU A 196 34.99 21.10 0.21
C GLU A 196 34.17 19.82 0.40
N LEU A 197 33.29 19.79 1.41
CA LEU A 197 32.37 18.66 1.60
C LEU A 197 31.54 18.44 0.32
N LEU A 198 30.93 19.50 -0.16
CA LEU A 198 30.06 19.43 -1.33
C LEU A 198 30.81 19.05 -2.61
N MET A 199 32.00 19.64 -2.82
CA MET A 199 32.81 19.31 -4.01
C MET A 199 33.21 17.83 -3.98
N GLU A 200 33.68 17.39 -2.83
CA GLU A 200 33.99 15.99 -2.64
C GLU A 200 32.74 15.11 -2.83
N TYR A 201 31.59 15.55 -2.33
CA TYR A 201 30.34 14.78 -2.54
C TYR A 201 30.00 14.59 -4.01
N LEU A 202 30.13 15.65 -4.79
CA LEU A 202 29.86 15.60 -6.23
C LEU A 202 30.87 14.73 -6.98
N ASN A 203 32.14 14.79 -6.58
CA ASN A 203 33.16 13.91 -7.18
C ASN A 203 32.87 12.44 -6.89
N PHE A 204 32.38 12.18 -5.68
CA PHE A 204 32.02 10.83 -5.26
C PHE A 204 30.81 10.36 -6.08
N TRP A 205 29.83 11.25 -6.24
CA TRP A 205 28.59 10.98 -6.99
C TRP A 205 28.92 10.62 -8.42
N GLN A 206 29.85 11.38 -9.01
CA GLN A 206 30.37 11.10 -10.36
C GLN A 206 30.96 9.68 -10.43
N GLN A 207 31.78 9.32 -9.44
CA GLN A 207 32.36 8.00 -9.38
C GLN A 207 31.30 6.91 -9.22
N LYS A 208 30.35 7.16 -8.34
CA LYS A 208 29.38 6.14 -7.95
C LYS A 208 27.98 6.66 -8.17
N THR A 209 27.58 6.74 -9.44
CA THR A 209 26.36 7.44 -9.81
C THR A 209 25.16 6.55 -9.57
N PRO A 210 24.26 6.95 -8.65
CA PRO A 210 23.08 6.16 -8.36
C PRO A 210 22.27 5.87 -9.62
N VAL A 211 21.76 4.64 -9.72
CA VAL A 211 20.78 4.33 -10.73
C VAL A 211 19.41 4.52 -10.09
N ILE A 212 19.20 3.82 -8.98
CA ILE A 212 18.02 3.99 -8.13
C ILE A 212 18.45 4.83 -6.93
N LEU A 213 17.73 5.92 -6.70
CA LEU A 213 18.04 6.82 -5.60
C LEU A 213 16.89 6.81 -4.61
N THR A 214 17.18 6.45 -3.37
CA THR A 214 16.11 6.33 -2.40
C THR A 214 16.53 6.90 -1.05
N GLY A 215 15.65 6.80 -0.08
CA GLY A 215 15.87 7.43 1.22
C GLY A 215 14.49 7.79 1.73
N TRP A 216 14.41 8.63 2.75
CA TRP A 216 13.13 8.94 3.36
C TRP A 216 12.82 10.40 3.17
N ASN A 217 11.81 10.70 2.37
CA ASN A 217 11.54 12.08 1.94
C ASN A 217 12.64 12.70 1.11
N VAL A 218 13.40 11.87 0.39
CA VAL A 218 14.49 12.41 -0.44
C VAL A 218 13.98 13.25 -1.59
N GLU A 219 12.83 12.88 -2.16
CA GLU A 219 12.29 13.58 -3.33
C GLU A 219 11.77 14.95 -2.96
N SER A 220 11.15 15.06 -1.79
CA SER A 220 10.59 16.35 -1.36
C SER A 220 11.56 17.20 -0.53
N PHE A 221 12.56 16.58 0.10
CA PHE A 221 13.54 17.32 0.90
C PHE A 221 15.02 17.20 0.49
N ALA A 222 15.63 16.02 0.67
CA ALA A 222 17.08 15.88 0.49
C ALA A 222 17.59 16.29 -0.91
N ILE A 223 16.97 15.77 -1.96
CA ILE A 223 17.40 16.08 -3.32
C ILE A 223 17.25 17.58 -3.64
N PRO A 224 16.04 18.14 -3.45
CA PRO A 224 15.89 19.58 -3.72
C PRO A 224 16.80 20.44 -2.85
N TYR A 225 17.01 20.05 -1.60
CA TYR A 225 17.90 20.82 -0.74
C TYR A 225 19.36 20.79 -1.22
N VAL A 226 19.88 19.58 -1.51
CA VAL A 226 21.23 19.41 -2.03
C VAL A 226 21.39 20.20 -3.33
N TYR A 227 20.44 20.04 -4.26
CA TYR A 227 20.50 20.72 -5.56
C TYR A 227 20.54 22.24 -5.38
N ASN A 228 19.61 22.74 -4.59
CA ASN A 228 19.50 24.18 -4.37
C ASN A 228 20.63 24.79 -3.58
N ARG A 229 21.18 24.05 -2.60
CA ARG A 229 22.33 24.53 -1.85
C ARG A 229 23.60 24.62 -2.73
N ILE A 230 23.85 23.58 -3.53
CA ILE A 230 24.98 23.59 -4.46
C ILE A 230 24.82 24.71 -5.49
N LYS A 231 23.61 24.86 -6.01
CA LYS A 231 23.28 25.98 -6.90
C LYS A 231 23.60 27.33 -6.26
N ASN A 232 23.23 27.50 -4.98
CA ASN A 232 23.42 28.78 -4.30
C ASN A 232 24.89 29.11 -4.07
N ILE A 233 25.69 28.10 -3.74
CA ILE A 233 27.11 28.28 -3.47
C ILE A 233 27.97 28.33 -4.73
N PHE A 234 27.70 27.46 -5.70
CA PHE A 234 28.59 27.30 -6.87
C PHE A 234 28.00 27.72 -8.21
N GLY A 235 26.67 27.82 -8.29
CA GLY A 235 26.00 28.12 -9.56
C GLY A 235 25.31 26.88 -10.10
N GLU A 236 24.46 27.08 -11.10
CA GLU A 236 23.62 26.03 -11.69
C GLU A 236 24.37 24.85 -12.31
N SER A 237 25.44 25.14 -13.04
CA SER A 237 26.15 24.11 -13.81
C SER A 237 26.71 23.04 -12.87
N THR A 238 27.22 23.49 -11.72
CA THR A 238 27.79 22.58 -10.74
C THR A 238 26.68 21.70 -10.15
N ALA A 239 25.52 22.29 -9.86
CA ALA A 239 24.39 21.55 -9.29
C ALA A 239 23.83 20.48 -10.22
N LYS A 240 23.89 20.74 -11.53
CA LYS A 240 23.41 19.78 -12.54
C LYS A 240 24.30 18.53 -12.67
N ARG A 241 25.47 18.57 -12.04
CA ARG A 241 26.33 17.38 -11.95
C ARG A 241 25.69 16.21 -11.18
N LEU A 242 24.57 16.48 -10.50
CA LEU A 242 23.81 15.41 -9.85
C LEU A 242 23.10 14.53 -10.89
N SER A 243 23.02 15.04 -12.11
CA SER A 243 22.50 14.26 -13.23
C SER A 243 23.66 13.78 -14.08
N PRO A 244 23.66 12.48 -14.46
CA PRO A 244 24.74 11.99 -15.32
C PRO A 244 24.76 12.64 -16.70
N HIS A 245 23.63 13.22 -17.10
CA HIS A 245 23.55 13.90 -18.39
C HIS A 245 23.54 15.40 -18.25
N ARG A 246 23.86 15.87 -17.05
CA ARG A 246 23.88 17.30 -16.73
C ARG A 246 22.56 17.99 -17.08
N LYS A 247 21.45 17.28 -16.95
CA LYS A 247 20.16 17.86 -17.23
C LYS A 247 19.21 17.67 -16.06
N THR A 248 18.64 18.79 -15.63
CA THR A 248 17.65 18.77 -14.54
C THR A 248 16.48 19.68 -14.90
N ARG A 249 15.39 19.53 -14.17
CA ARG A 249 14.19 20.30 -14.42
C ARG A 249 13.47 20.42 -13.10
N VAL A 250 13.10 21.65 -12.73
CA VAL A 250 12.15 21.84 -11.65
C VAL A 250 10.78 21.33 -12.10
N LYS A 251 10.22 20.37 -11.38
CA LYS A 251 8.90 19.84 -11.71
C LYS A 251 7.88 20.31 -10.67
N VAL A 252 6.75 20.83 -11.15
CA VAL A 252 5.68 21.28 -10.26
C VAL A 252 4.69 20.14 -9.98
N ILE A 253 4.63 19.73 -8.72
CA ILE A 253 3.66 18.69 -8.31
C ILE A 253 2.43 19.39 -7.74
N GLU A 254 1.30 19.18 -8.42
CA GLU A 254 0.04 19.82 -8.04
C GLU A 254 -0.94 18.83 -7.43
N ASN A 255 -1.67 19.30 -6.43
CA ASN A 255 -2.86 18.61 -5.93
C ASN A 255 -4.03 19.58 -5.83
N MET A 256 -5.08 19.16 -5.12
CA MET A 256 -6.32 19.93 -5.00
C MET A 256 -6.13 21.28 -4.30
N TYR A 257 -5.20 21.35 -3.34
CA TYR A 257 -5.09 22.52 -2.44
C TYR A 257 -3.87 23.40 -2.69
N GLY A 258 -2.93 22.92 -3.51
CA GLY A 258 -1.72 23.68 -3.81
C GLY A 258 -0.70 22.87 -4.59
N SER A 259 0.53 23.34 -4.60
CA SER A 259 1.60 22.69 -5.35
C SER A 259 2.97 22.82 -4.69
N ARG A 260 3.84 21.86 -4.99
CA ARG A 260 5.21 21.88 -4.50
C ARG A 260 6.15 21.60 -5.66
N GLU A 261 7.43 21.87 -5.45
CA GLU A 261 8.45 21.65 -6.49
C GLU A 261 9.43 20.56 -6.10
N ILE A 262 9.76 19.70 -7.06
CA ILE A 262 10.82 18.72 -6.91
C ILE A 262 11.80 18.93 -8.04
N ILE A 263 12.97 18.31 -7.92
CA ILE A 263 13.98 18.41 -8.96
C ILE A 263 14.06 17.07 -9.69
N THR A 264 13.76 17.09 -10.98
CA THR A 264 13.94 15.90 -11.80
C THR A 264 15.42 15.82 -12.21
N LEU A 265 16.06 14.69 -11.90
CA LEU A 265 17.43 14.44 -12.28
C LEU A 265 17.45 13.46 -13.43
N PHE A 266 17.72 13.97 -14.63
CA PHE A 266 17.74 13.13 -15.81
C PHE A 266 18.81 12.07 -15.68
N GLY A 267 18.41 10.83 -15.96
CA GLY A 267 19.34 9.69 -15.89
C GLY A 267 19.50 9.10 -14.50
N ILE A 268 18.67 9.54 -13.56
CA ILE A 268 18.53 8.92 -12.23
C ILE A 268 17.07 8.48 -12.07
N SER A 269 16.83 7.33 -11.43
CA SER A 269 15.45 6.91 -11.08
C SER A 269 15.25 7.07 -9.57
N VAL A 270 14.50 8.12 -9.19
CA VAL A 270 14.24 8.41 -7.78
C VAL A 270 13.02 7.63 -7.32
N LEU A 271 13.20 6.74 -6.35
CA LEU A 271 12.12 6.01 -5.71
C LEU A 271 12.16 6.32 -4.21
N ASP A 272 11.58 7.46 -3.83
CA ASP A 272 11.54 7.90 -2.43
C ASP A 272 10.85 6.82 -1.60
N TYR A 273 11.52 6.33 -0.55
CA TYR A 273 10.98 5.19 0.20
C TYR A 273 9.65 5.51 0.89
N ILE A 274 9.44 6.77 1.28
CA ILE A 274 8.14 7.13 1.87
C ILE A 274 7.02 6.87 0.85
N ASP A 275 7.29 7.14 -0.43
CA ASP A 275 6.27 6.91 -1.45
C ASP A 275 6.13 5.45 -1.83
N LEU A 276 7.24 4.71 -1.85
CA LEU A 276 7.17 3.26 -2.02
C LEU A 276 6.36 2.64 -0.89
N TYR A 277 6.61 3.10 0.33
CA TYR A 277 5.88 2.61 1.50
C TYR A 277 4.36 2.90 1.38
N LYS A 278 3.99 4.14 1.10
CA LYS A 278 2.58 4.50 0.97
C LYS A 278 1.87 3.69 -0.13
N LYS A 279 2.55 3.44 -1.25
CA LYS A 279 1.93 2.72 -2.35
C LYS A 279 1.84 1.21 -2.11
N PHE A 280 2.87 0.63 -1.51
CA PHE A 280 3.01 -0.82 -1.49
C PHE A 280 2.78 -1.51 -0.16
N SER A 281 2.70 -0.75 0.93
CA SER A 281 2.60 -1.36 2.27
C SER A 281 1.19 -1.76 2.68
N PHE A 282 0.17 -1.14 2.06
CA PHE A 282 -1.24 -1.30 2.44
C PHE A 282 -1.47 -1.10 3.94
N THR A 283 -0.89 -0.02 4.44
CA THR A 283 -1.14 0.47 5.78
C THR A 283 -1.68 1.89 5.61
N ASN A 284 -2.40 2.41 6.59
CA ASN A 284 -2.58 3.85 6.71
C ASN A 284 -2.13 4.23 8.11
N GLN A 285 -1.08 5.04 8.17
CA GLN A 285 -0.38 5.31 9.42
C GLN A 285 -0.75 6.66 10.02
N PRO A 286 -0.75 6.76 11.37
CA PRO A 286 -1.04 8.04 12.04
C PRO A 286 0.06 9.06 11.79
N SER A 287 1.28 8.58 11.52
CA SER A 287 2.45 9.40 11.22
C SER A 287 3.36 8.70 10.22
N TYR A 288 4.04 9.45 9.37
CA TYR A 288 5.06 8.88 8.47
C TYR A 288 6.48 9.38 8.74
N SER A 289 6.76 9.76 9.98
CA SER A 289 8.13 10.03 10.38
C SER A 289 8.90 8.69 10.34
N LEU A 290 10.17 8.74 9.98
CA LEU A 290 10.98 7.52 9.97
C LEU A 290 10.97 6.81 11.31
N ASP A 291 11.05 7.59 12.40
CA ASP A 291 10.93 7.08 13.77
C ASP A 291 9.68 6.22 13.94
N TYR A 292 8.55 6.77 13.51
CA TYR A 292 7.27 6.08 13.67
C TYR A 292 7.20 4.79 12.84
N ILE A 293 7.60 4.89 11.58
CA ILE A 293 7.52 3.75 10.68
C ILE A 293 8.54 2.67 11.07
N SER A 294 9.73 3.10 11.49
CA SER A 294 10.79 2.18 11.94
C SER A 294 10.33 1.37 13.15
N GLU A 295 9.75 2.07 14.12
CA GLU A 295 9.20 1.41 15.29
C GLU A 295 8.11 0.43 14.88
N PHE A 296 7.24 0.82 13.96
CA PHE A 296 6.14 -0.05 13.51
C PHE A 296 6.64 -1.30 12.77
N GLU A 297 7.58 -1.11 11.85
CA GLU A 297 8.02 -2.19 10.99
C GLU A 297 9.04 -3.10 11.67
N LEU A 298 9.93 -2.51 12.48
CA LEU A 298 11.11 -3.22 12.98
C LEU A 298 11.10 -3.41 14.49
N ASN A 299 10.21 -2.70 15.16
CA ASN A 299 10.13 -2.75 16.61
C ASN A 299 11.42 -2.26 17.28
N VAL A 300 12.04 -1.25 16.67
CA VAL A 300 13.21 -0.61 17.27
C VAL A 300 12.76 0.67 17.96
N GLY A 301 13.42 1.01 19.06
CA GLY A 301 13.07 2.19 19.86
C GLY A 301 13.33 3.49 19.12
N LYS A 302 12.50 4.49 19.41
CA LYS A 302 12.70 5.84 18.88
C LYS A 302 14.12 6.36 19.18
N LEU A 303 14.72 7.05 18.20
CA LEU A 303 16.04 7.68 18.37
C LEU A 303 15.97 8.86 19.34
N LYS A 304 16.45 8.63 20.56
CA LYS A 304 16.27 9.54 21.70
C LYS A 304 17.41 10.56 21.84
N TYR A 305 17.04 11.84 21.94
CA TYR A 305 17.99 12.93 22.19
C TYR A 305 17.35 14.08 22.98
N ASP A 306 18.19 14.90 23.63
CA ASP A 306 17.73 16.06 24.41
C ASP A 306 17.82 17.35 23.61
N GLY A 307 16.90 18.27 23.88
CA GLY A 307 16.84 19.55 23.17
C GLY A 307 16.28 19.42 21.77
N PRO A 308 16.05 20.55 21.08
CA PRO A 308 15.52 20.51 19.71
C PRO A 308 16.60 20.05 18.73
N ILE A 309 16.19 19.55 17.57
CA ILE A 309 17.13 19.11 16.54
C ILE A 309 18.07 20.25 16.13
N SER A 310 17.56 21.49 16.19
CA SER A 310 18.33 22.66 15.77
C SER A 310 19.50 22.99 16.70
N LYS A 311 19.55 22.34 17.86
CA LYS A 311 20.66 22.52 18.78
C LYS A 311 21.46 21.25 19.03
N LEU A 312 21.01 20.14 18.43
CA LEU A 312 21.67 18.85 18.61
C LEU A 312 23.13 18.81 18.13
N ARG A 313 23.41 19.42 16.98
CA ARG A 313 24.76 19.38 16.44
C ARG A 313 25.76 20.05 17.39
N GLU A 314 25.44 21.25 17.87
CA GLU A 314 26.35 21.98 18.76
C GLU A 314 26.43 21.33 20.15
N SER A 315 25.31 20.80 20.64
CA SER A 315 25.30 20.18 21.96
C SER A 315 25.85 18.74 21.96
N ASN A 316 25.57 17.99 20.89
CA ASN A 316 25.96 16.59 20.83
C ASN A 316 26.19 16.10 19.41
N HIS A 317 27.26 16.61 18.81
CA HIS A 317 27.64 16.25 17.44
C HIS A 317 27.86 14.77 17.26
N GLN A 318 28.41 14.11 18.29
CA GLN A 318 28.59 12.66 18.27
C GLN A 318 27.28 11.94 17.96
N ARG A 319 26.24 12.24 18.74
CA ARG A 319 24.91 11.66 18.57
C ARG A 319 24.27 12.07 17.23
N TYR A 320 24.47 13.34 16.88
CA TYR A 320 23.95 13.93 15.64
C TYR A 320 24.34 13.12 14.40
N ILE A 321 25.63 12.85 14.27
CA ILE A 321 26.16 12.05 13.15
C ILE A 321 25.69 10.61 13.25
N SER A 322 25.81 10.01 14.44
CA SER A 322 25.37 8.62 14.63
C SER A 322 23.92 8.39 14.21
N TYR A 323 23.04 9.35 14.51
CA TYR A 323 21.64 9.21 14.21
C TYR A 323 21.37 9.39 12.72
N ASN A 324 22.20 10.20 12.06
CA ASN A 324 22.15 10.36 10.61
C ASN A 324 22.51 9.05 9.91
N ILE A 325 23.51 8.34 10.43
CA ILE A 325 23.89 7.02 9.90
C ILE A 325 22.78 6.00 10.15
N ILE A 326 22.25 5.97 11.38
CA ILE A 326 21.21 5.03 11.75
C ILE A 326 19.93 5.22 10.92
N ALA A 327 19.58 6.48 10.67
CA ALA A 327 18.46 6.84 9.80
C ALA A 327 18.57 6.18 8.41
N VAL A 328 19.76 6.20 7.82
CA VAL A 328 19.97 5.54 6.53
C VAL A 328 19.83 4.02 6.67
N TYR A 329 20.41 3.45 7.72
CA TYR A 329 20.28 2.01 7.97
C TYR A 329 18.85 1.53 8.19
N ARG A 330 18.03 2.31 8.91
CA ARG A 330 16.64 1.93 9.16
CA ARG A 330 16.62 1.99 9.16
C ARG A 330 15.87 1.73 7.85
N VAL A 331 16.06 2.63 6.89
CA VAL A 331 15.44 2.48 5.57
C VAL A 331 15.87 1.15 4.91
N LEU A 332 17.15 0.81 5.00
CA LEU A 332 17.65 -0.46 4.46
C LEU A 332 17.02 -1.66 5.18
N GLN A 333 16.80 -1.53 6.48
CA GLN A 333 16.17 -2.59 7.26
C GLN A 333 14.72 -2.77 6.88
N ILE A 334 13.99 -1.66 6.68
CA ILE A 334 12.60 -1.76 6.24
C ILE A 334 12.53 -2.48 4.89
N ASP A 335 13.44 -2.10 3.98
CA ASP A 335 13.48 -2.72 2.66
C ASP A 335 13.90 -4.19 2.68
N ALA A 336 14.82 -4.55 3.58
CA ALA A 336 15.15 -5.97 3.78
C ALA A 336 13.91 -6.78 4.14
N LYS A 337 13.04 -6.20 4.95
CA LYS A 337 11.76 -6.82 5.31
C LYS A 337 10.71 -6.77 4.17
N ARG A 338 10.40 -5.55 3.72
CA ARG A 338 9.29 -5.33 2.81
C ARG A 338 9.62 -5.61 1.34
N GLN A 339 10.87 -5.38 0.94
CA GLN A 339 11.36 -5.70 -0.41
C GLN A 339 10.67 -4.89 -1.52
N PHE A 340 10.43 -3.61 -1.24
CA PHE A 340 9.76 -2.75 -2.22
C PHE A 340 10.66 -2.37 -3.39
N ILE A 341 11.97 -2.28 -3.14
CA ILE A 341 12.90 -2.01 -4.23
C ILE A 341 12.91 -3.17 -5.23
N ASN A 342 13.01 -4.39 -4.70
CA ASN A 342 12.93 -5.62 -5.51
C ASN A 342 11.66 -5.66 -6.35
N LEU A 343 10.53 -5.41 -5.70
CA LEU A 343 9.24 -5.30 -6.37
C LEU A 343 9.24 -4.28 -7.49
N SER A 344 9.83 -3.11 -7.26
CA SER A 344 9.82 -2.04 -8.24
C SER A 344 10.63 -2.38 -9.50
N LEU A 345 11.78 -3.00 -9.29
CA LEU A 345 12.63 -3.46 -10.39
C LEU A 345 11.91 -4.55 -11.20
N ASP A 346 11.30 -5.52 -10.51
CA ASP A 346 10.53 -6.59 -11.14
C ASP A 346 9.46 -6.03 -12.09
N MET A 347 8.59 -5.15 -11.56
CA MET A 347 7.49 -4.57 -12.33
C MET A 347 7.99 -3.67 -13.45
N GLY A 348 8.99 -2.84 -13.14
CA GLY A 348 9.54 -1.93 -14.14
C GLY A 348 10.15 -2.62 -15.35
N TYR A 349 10.96 -3.65 -15.11
CA TYR A 349 11.57 -4.38 -16.22
C TYR A 349 10.56 -5.25 -16.94
N TYR A 350 9.56 -5.74 -16.22
CA TYR A 350 8.51 -6.52 -16.86
C TYR A 350 7.77 -5.65 -17.87
N ALA A 351 7.42 -4.43 -17.47
CA ALA A 351 6.65 -3.52 -18.32
C ALA A 351 7.50 -2.77 -19.35
N LYS A 352 8.80 -2.71 -19.11
CA LYS A 352 9.77 -1.97 -19.93
C LYS A 352 9.54 -0.47 -19.85
N ILE A 353 9.54 0.02 -18.61
CA ILE A 353 9.35 1.44 -18.34
C ILE A 353 10.53 1.95 -17.52
N GLN A 354 10.65 3.27 -17.44
CA GLN A 354 11.51 3.87 -16.44
C GLN A 354 11.06 3.31 -15.09
N ILE A 355 12.00 2.91 -14.24
CA ILE A 355 11.64 2.26 -12.97
C ILE A 355 10.67 3.13 -12.14
N GLN A 356 10.88 4.44 -12.13
CA GLN A 356 10.04 5.34 -11.34
C GLN A 356 8.59 5.39 -11.80
N SER A 357 8.32 4.86 -12.99
CA SER A 357 6.96 4.82 -13.51
C SER A 357 6.10 3.74 -12.85
N VAL A 358 6.71 2.89 -12.01
CA VAL A 358 5.93 1.86 -11.29
C VAL A 358 4.88 2.51 -10.37
N PHE A 359 5.06 3.78 -10.03
CA PHE A 359 4.07 4.50 -9.24
C PHE A 359 2.76 4.74 -10.00
N SER A 360 2.78 4.59 -11.32
CA SER A 360 1.58 4.84 -12.15
C SER A 360 1.12 3.57 -12.88
N PRO A 361 0.01 2.97 -12.43
CA PRO A 361 -0.56 1.82 -13.15
C PRO A 361 -0.98 2.11 -14.59
N ILE A 362 -1.35 3.35 -14.88
CA ILE A 362 -1.72 3.76 -16.24
C ILE A 362 -0.52 3.65 -17.18
N LYS A 363 0.60 4.25 -16.76
CA LYS A 363 1.85 4.17 -17.50
C LYS A 363 2.35 2.73 -17.63
N THR A 364 2.29 1.97 -16.54
CA THR A 364 2.70 0.57 -16.51
C THR A 364 1.89 -0.26 -17.50
N TRP A 365 0.57 -0.14 -17.45
CA TRP A 365 -0.27 -0.87 -18.38
C TRP A 365 -0.16 -0.38 -19.79
N ASP A 366 0.02 0.92 -20.00
CA ASP A 366 0.20 1.43 -21.37
C ASP A 366 1.41 0.77 -22.02
N ALA A 367 2.50 0.68 -21.26
CA ALA A 367 3.72 0.02 -21.71
C ALA A 367 3.56 -1.47 -21.96
N ILE A 368 2.91 -2.21 -21.05
CA ILE A 368 2.72 -3.66 -21.21
C ILE A 368 1.89 -3.93 -22.47
N ILE A 369 0.80 -3.19 -22.62
CA ILE A 369 -0.11 -3.39 -23.75
C ILE A 369 0.57 -3.05 -25.07
N PHE A 370 1.34 -1.94 -25.07
CA PHE A 370 2.08 -1.53 -26.25
C PHE A 370 3.05 -2.60 -26.72
N ASN A 371 3.87 -3.12 -25.81
CA ASN A 371 4.81 -4.18 -26.16
C ASN A 371 4.12 -5.45 -26.68
N SER A 372 2.98 -5.77 -26.06
CA SER A 372 2.22 -6.93 -26.48
C SER A 372 1.68 -6.79 -27.90
N LEU A 373 1.11 -5.62 -28.20
CA LEU A 373 0.55 -5.33 -29.53
C LEU A 373 1.63 -5.19 -30.63
N LYS A 374 2.73 -4.53 -30.28
CA LYS A 374 3.87 -4.37 -31.19
C LYS A 374 4.43 -5.72 -31.66
N GLU A 375 4.41 -6.72 -30.76
CA GLU A 375 4.82 -8.08 -31.10
C GLU A 375 4.06 -8.70 -32.28
N GLN A 376 2.83 -8.24 -32.50
CA GLN A 376 2.00 -8.75 -33.60
C GLN A 376 1.86 -7.72 -34.72
N ASN A 377 2.75 -6.73 -34.74
CA ASN A 377 2.71 -5.64 -35.74
C ASN A 377 1.41 -4.81 -35.69
N LYS A 378 0.75 -4.83 -34.55
CA LYS A 378 -0.43 -3.99 -34.35
C LYS A 378 -0.03 -2.64 -33.81
N VAL A 379 -0.88 -1.65 -34.05
CA VAL A 379 -0.57 -0.25 -33.81
C VAL A 379 -1.58 0.32 -32.79
N ILE A 380 -1.07 0.95 -31.74
CA ILE A 380 -1.92 1.42 -30.64
C ILE A 380 -2.63 2.71 -31.05
N PRO A 381 -3.85 2.96 -30.52
CA PRO A 381 -4.57 4.19 -30.88
C PRO A 381 -3.96 5.42 -30.22
N GLN A 382 -4.27 6.59 -30.75
CA GLN A 382 -3.85 7.83 -30.08
C GLN A 382 -4.63 8.03 -28.78
N GLY A 383 -3.96 8.58 -27.76
CA GLY A 383 -4.65 9.04 -26.55
C GLY A 383 -5.52 10.24 -26.85
N ARG A 384 -6.67 10.30 -26.22
CA ARG A 384 -7.68 11.35 -26.46
C ARG A 384 -8.10 12.03 -25.17
N SER A 385 -8.70 13.21 -25.30
CA SER A 385 -9.32 13.93 -24.18
C SER A 385 -10.69 13.37 -23.87
N HIS A 386 -10.93 13.10 -22.59
CA HIS A 386 -12.29 12.79 -22.11
C HIS A 386 -12.65 13.60 -20.90
N PRO A 387 -13.89 14.10 -20.84
CA PRO A 387 -14.35 14.73 -19.60
C PRO A 387 -14.55 13.68 -18.51
N VAL A 388 -14.23 14.01 -17.26
CA VAL A 388 -14.46 13.08 -16.15
C VAL A 388 -15.98 12.88 -15.97
N GLN A 389 -16.40 11.63 -15.90
CA GLN A 389 -17.82 11.28 -15.71
C GLN A 389 -17.95 10.20 -14.63
N PRO A 390 -18.87 10.37 -13.66
CA PRO A 390 -19.09 9.29 -12.69
C PRO A 390 -19.64 8.01 -13.34
N TYR A 391 -19.36 6.87 -12.73
CA TYR A 391 -19.93 5.60 -13.19
C TYR A 391 -20.16 4.63 -12.03
N PRO A 392 -21.09 3.66 -12.17
CA PRO A 392 -21.45 2.78 -11.06
C PRO A 392 -20.40 1.72 -10.75
N GLY A 393 -20.39 1.29 -9.49
CA GLY A 393 -19.37 0.38 -8.96
C GLY A 393 -19.99 -0.90 -8.44
N ALA A 394 -19.55 -1.32 -7.26
CA ALA A 394 -19.96 -2.60 -6.69
C ALA A 394 -21.33 -2.56 -6.00
N PHE A 395 -21.92 -3.74 -5.81
CA PHE A 395 -23.07 -3.88 -4.95
C PHE A 395 -22.65 -4.32 -3.56
N VAL A 396 -23.28 -3.71 -2.56
CA VAL A 396 -23.04 -4.05 -1.17
C VAL A 396 -24.39 -4.31 -0.52
N LYS A 397 -24.57 -5.52 0.03
CA LYS A 397 -25.81 -5.91 0.70
C LYS A 397 -25.96 -5.20 2.05
N GLU A 398 -27.18 -4.72 2.33
CA GLU A 398 -27.49 -4.16 3.64
C GLU A 398 -27.68 -5.30 4.65
N PRO A 399 -26.80 -5.42 5.66
CA PRO A 399 -27.00 -6.49 6.61
C PRO A 399 -27.99 -6.07 7.70
N ILE A 400 -28.70 -7.06 8.27
CA ILE A 400 -29.47 -6.85 9.48
C ILE A 400 -28.47 -6.79 10.65
N PRO A 401 -28.40 -5.65 11.36
CA PRO A 401 -27.42 -5.55 12.45
C PRO A 401 -27.75 -6.54 13.55
N ASN A 402 -26.78 -7.32 13.97
CA ASN A 402 -27.04 -8.40 14.90
C ASN A 402 -25.75 -9.12 15.24
N ARG A 403 -25.81 -9.99 16.24
CA ARG A 403 -24.82 -11.05 16.40
C ARG A 403 -25.11 -12.15 15.38
N TYR A 404 -24.05 -12.83 14.97
CA TYR A 404 -24.11 -13.97 14.07
C TYR A 404 -23.06 -14.93 14.60
N LYS A 405 -23.53 -16.10 15.03
CA LYS A 405 -22.71 -17.03 15.82
C LYS A 405 -21.69 -17.85 15.00
N TYR A 406 -22.19 -18.60 13.99
CA TYR A 406 -21.36 -19.38 13.08
C TYR A 406 -21.44 -18.80 11.68
N VAL A 407 -20.29 -18.46 11.11
CA VAL A 407 -20.24 -17.84 9.78
C VAL A 407 -19.15 -18.48 8.91
N MET A 408 -19.50 -18.75 7.65
CA MET A 408 -18.56 -19.16 6.62
C MET A 408 -18.59 -18.08 5.55
N SER A 409 -17.43 -17.61 5.11
CA SER A 409 -17.40 -16.64 4.04
C SER A 409 -16.77 -17.22 2.78
N PHE A 410 -17.13 -16.63 1.63
CA PHE A 410 -16.57 -17.00 0.34
C PHE A 410 -16.44 -15.73 -0.49
N ASP A 411 -15.41 -15.67 -1.34
CA ASP A 411 -15.28 -14.57 -2.28
C ASP A 411 -14.50 -14.95 -3.55
N LEU A 412 -14.72 -14.20 -4.62
CA LEU A 412 -14.11 -14.49 -5.90
C LEU A 412 -12.60 -14.29 -5.85
N THR A 413 -11.86 -15.22 -6.45
CA THR A 413 -10.42 -15.05 -6.67
C THR A 413 -10.20 -13.96 -7.72
N SER A 414 -9.38 -12.96 -7.39
CA SER A 414 -9.13 -11.84 -8.31
C SER A 414 -10.37 -11.44 -9.09
N ALA A 415 -11.41 -11.00 -8.37
CA ALA A 415 -12.73 -10.71 -8.93
C ALA A 415 -12.70 -9.96 -10.27
N TYR A 416 -12.25 -8.69 -10.26
CA TYR A 416 -12.36 -7.88 -11.46
C TYR A 416 -11.51 -8.38 -12.61
N PRO A 417 -10.26 -8.82 -12.34
CA PRO A 417 -9.49 -9.42 -13.44
C PRO A 417 -10.10 -10.69 -14.00
N SER A 418 -10.74 -11.49 -13.15
CA SER A 418 -11.40 -12.72 -13.61
C SER A 418 -12.63 -12.41 -14.47
N ILE A 419 -13.31 -11.32 -14.15
CA ILE A 419 -14.45 -10.86 -14.96
C ILE A 419 -13.98 -10.45 -16.36
N ILE A 420 -12.92 -9.66 -16.41
CA ILE A 420 -12.27 -9.27 -17.66
C ILE A 420 -11.94 -10.50 -18.53
N ARG A 421 -11.32 -11.51 -17.91
CA ARG A 421 -10.91 -12.70 -18.62
C ARG A 421 -12.10 -13.52 -19.06
N GLN A 422 -13.09 -13.65 -18.16
CA GLN A 422 -14.26 -14.49 -18.43
C GLN A 422 -15.10 -13.91 -19.56
N VAL A 423 -15.33 -12.59 -19.51
CA VAL A 423 -16.22 -11.91 -20.46
C VAL A 423 -15.45 -11.60 -21.75
N ASN A 424 -14.13 -11.46 -21.64
CA ASN A 424 -13.22 -11.08 -22.73
C ASN A 424 -13.29 -9.58 -23.02
N ILE A 425 -13.17 -8.79 -21.96
CA ILE A 425 -13.37 -7.36 -22.04
C ILE A 425 -12.05 -6.72 -22.45
N SER A 426 -12.08 -5.97 -23.55
CA SER A 426 -10.86 -5.36 -24.13
C SER A 426 -11.31 -4.31 -25.14
N PRO A 427 -10.47 -3.27 -25.41
CA PRO A 427 -10.82 -2.29 -26.44
C PRO A 427 -11.17 -2.91 -27.79
N GLU A 428 -10.41 -3.93 -28.21
CA GLU A 428 -10.55 -4.44 -29.56
C GLU A 428 -11.51 -5.65 -29.67
N THR A 429 -12.08 -6.09 -28.56
CA THR A 429 -13.01 -7.24 -28.60
C THR A 429 -14.48 -6.83 -28.54
N ILE A 430 -14.75 -5.53 -28.52
CA ILE A 430 -16.14 -5.03 -28.50
C ILE A 430 -16.83 -5.45 -29.79
N ALA A 431 -17.89 -6.25 -29.65
CA ALA A 431 -18.63 -6.78 -30.79
C ALA A 431 -19.92 -6.01 -31.06
N GLY A 432 -20.42 -5.28 -30.06
CA GLY A 432 -21.71 -4.60 -30.21
C GLY A 432 -22.43 -4.44 -28.89
N THR A 433 -23.72 -4.15 -28.96
CA THR A 433 -24.53 -3.97 -27.77
C THR A 433 -25.82 -4.79 -27.86
N PHE A 434 -26.42 -5.10 -26.71
CA PHE A 434 -27.74 -5.71 -26.71
C PHE A 434 -28.68 -4.86 -25.87
N LYS A 435 -29.98 -5.08 -26.04
CA LYS A 435 -31.00 -4.32 -25.33
C LYS A 435 -31.12 -4.82 -23.90
N VAL A 436 -30.78 -3.97 -22.93
CA VAL A 436 -30.68 -4.40 -21.53
C VAL A 436 -32.01 -4.45 -20.80
N ALA A 437 -32.15 -5.44 -19.92
CA ALA A 437 -33.26 -5.53 -18.98
C ALA A 437 -32.78 -5.00 -17.63
N PRO A 438 -33.72 -4.74 -16.69
CA PRO A 438 -33.27 -4.36 -15.35
C PRO A 438 -32.36 -5.44 -14.76
N LEU A 439 -31.32 -5.03 -14.04
CA LEU A 439 -30.35 -5.97 -13.46
C LEU A 439 -31.02 -7.13 -12.72
N HIS A 440 -32.04 -6.80 -11.93
CA HIS A 440 -32.85 -7.76 -11.17
C HIS A 440 -33.35 -8.90 -12.04
N ASP A 441 -33.63 -8.60 -13.30
CA ASP A 441 -34.13 -9.63 -14.21
C ASP A 441 -33.05 -10.61 -14.64
N TYR A 442 -31.81 -10.15 -14.71
CA TYR A 442 -30.69 -11.04 -14.99
C TYR A 442 -30.39 -11.84 -13.73
N ILE A 443 -30.30 -11.15 -12.59
CA ILE A 443 -30.06 -11.81 -11.30
C ILE A 443 -31.00 -12.98 -11.08
N ASN A 444 -32.27 -12.80 -11.43
CA ASN A 444 -33.30 -13.82 -11.20
C ASN A 444 -33.55 -14.68 -12.42
N ALA A 445 -32.69 -14.53 -13.43
CA ALA A 445 -32.75 -15.34 -14.64
C ALA A 445 -34.12 -15.32 -15.34
N VAL A 446 -34.74 -14.15 -15.44
CA VAL A 446 -36.00 -14.06 -16.21
C VAL A 446 -35.83 -13.27 -17.50
N ALA A 447 -34.82 -12.41 -17.55
CA ALA A 447 -34.47 -11.70 -18.77
C ALA A 447 -34.11 -12.67 -19.89
N GLU A 448 -34.42 -12.26 -21.11
CA GLU A 448 -34.00 -12.97 -22.32
C GLU A 448 -32.48 -13.12 -22.36
N ARG A 449 -32.01 -14.25 -22.88
CA ARG A 449 -30.57 -14.46 -23.08
C ARG A 449 -30.04 -13.30 -23.94
N PRO A 450 -29.01 -12.59 -23.46
CA PRO A 450 -28.48 -11.44 -24.20
C PRO A 450 -28.01 -11.80 -25.62
N SER A 451 -27.27 -12.90 -25.79
CA SER A 451 -26.71 -13.24 -27.10
C SER A 451 -26.42 -14.73 -27.27
N ASP A 452 -26.65 -15.23 -28.48
CA ASP A 452 -26.25 -16.58 -28.88
C ASP A 452 -24.95 -16.58 -29.68
N VAL A 453 -24.28 -15.43 -29.76
CA VAL A 453 -23.07 -15.32 -30.57
C VAL A 453 -21.88 -14.77 -29.77
N TYR A 454 -22.15 -13.74 -28.96
CA TYR A 454 -21.07 -13.02 -28.29
C TYR A 454 -21.12 -13.16 -26.77
N SER A 455 -20.03 -12.78 -26.10
CA SER A 455 -19.90 -12.91 -24.65
C SER A 455 -20.37 -11.60 -24.03
N CYS A 456 -21.24 -11.69 -23.03
CA CYS A 456 -22.00 -10.52 -22.57
C CYS A 456 -21.82 -10.10 -21.11
N SER A 457 -21.97 -8.80 -20.87
CA SER A 457 -22.11 -8.24 -19.54
C SER A 457 -23.50 -7.57 -19.46
N PRO A 458 -24.17 -7.66 -18.30
CA PRO A 458 -25.53 -7.09 -18.16
C PRO A 458 -25.59 -5.54 -18.25
N ASN A 459 -24.47 -4.89 -18.53
CA ASN A 459 -24.52 -3.46 -18.84
C ASN A 459 -24.92 -3.20 -20.29
N GLY A 460 -25.09 -4.26 -21.07
CA GLY A 460 -25.48 -4.15 -22.48
C GLY A 460 -24.40 -4.44 -23.51
N MET A 461 -23.16 -4.67 -23.06
CA MET A 461 -22.02 -4.88 -23.96
C MET A 461 -21.83 -6.34 -24.39
N MET A 462 -21.40 -6.53 -25.64
CA MET A 462 -21.06 -7.83 -26.18
C MET A 462 -19.63 -7.87 -26.68
N TYR A 463 -18.99 -9.02 -26.52
CA TYR A 463 -17.58 -9.18 -26.87
C TYR A 463 -17.35 -10.40 -27.75
N TYR A 464 -16.34 -10.31 -28.62
CA TYR A 464 -15.96 -11.44 -29.47
C TYR A 464 -15.52 -12.62 -28.63
N LYS A 465 -15.84 -13.82 -29.13
CA LYS A 465 -15.41 -15.04 -28.45
C LYS A 465 -14.33 -15.81 -29.20
N ASP A 466 -13.96 -15.37 -30.40
CA ASP A 466 -13.02 -16.13 -31.25
C ASP A 466 -11.56 -16.06 -30.78
N ARG A 467 -11.19 -14.98 -30.09
CA ARG A 467 -9.82 -14.75 -29.68
C ARG A 467 -9.80 -13.86 -28.44
N ASP A 468 -8.83 -14.11 -27.56
CA ASP A 468 -8.59 -13.30 -26.37
C ASP A 468 -8.12 -11.90 -26.76
N GLY A 469 -8.71 -10.88 -26.13
CA GLY A 469 -8.22 -9.51 -26.28
C GLY A 469 -6.87 -9.31 -25.62
N VAL A 470 -6.19 -8.23 -25.97
CA VAL A 470 -4.88 -7.96 -25.40
C VAL A 470 -4.97 -7.73 -23.88
N VAL A 471 -6.06 -7.12 -23.42
CA VAL A 471 -6.26 -6.90 -21.98
C VAL A 471 -6.42 -8.23 -21.22
N PRO A 472 -7.36 -9.09 -21.64
CA PRO A 472 -7.39 -10.41 -21.01
C PRO A 472 -6.06 -11.20 -21.10
N THR A 473 -5.36 -11.15 -22.23
CA THR A 473 -4.08 -11.89 -22.35
C THR A 473 -3.02 -11.38 -21.37
N GLU A 474 -2.85 -10.08 -21.29
CA GLU A 474 -1.81 -9.51 -20.45
C GLU A 474 -2.15 -9.55 -18.96
N ILE A 475 -3.43 -9.36 -18.63
CA ILE A 475 -3.87 -9.47 -17.24
C ILE A 475 -3.68 -10.91 -16.71
N THR A 476 -3.90 -11.91 -17.56
CA THR A 476 -3.71 -13.34 -17.19
C THR A 476 -2.26 -13.61 -16.79
N LYS A 477 -1.33 -13.09 -17.59
CA LYS A 477 0.10 -13.24 -17.30
C LYS A 477 0.46 -12.75 -15.89
N VAL A 478 0.04 -11.55 -15.53
CA VAL A 478 0.36 -11.00 -14.20
C VAL A 478 -0.40 -11.76 -13.10
N PHE A 479 -1.65 -12.10 -13.38
CA PHE A 479 -2.43 -12.89 -12.42
C PHE A 479 -1.71 -14.18 -12.05
N ASN A 480 -1.19 -14.86 -13.08
CA ASN A 480 -0.44 -16.11 -12.87
C ASN A 480 0.80 -15.90 -12.00
N GLN A 481 1.51 -14.79 -12.17
CA GLN A 481 2.61 -14.45 -11.26
C GLN A 481 2.08 -14.26 -9.84
N ARG A 482 0.94 -13.57 -9.73
CA ARG A 482 0.35 -13.29 -8.42
C ARG A 482 0.05 -14.59 -7.68
N LYS A 483 -0.61 -15.51 -8.38
CA LYS A 483 -0.99 -16.80 -7.81
C LYS A 483 0.22 -17.57 -7.27
N GLU A 484 1.31 -17.58 -8.02
CA GLU A 484 2.56 -18.22 -7.57
C GLU A 484 3.05 -17.64 -6.23
N HIS A 485 3.07 -16.31 -6.14
CA HIS A 485 3.58 -15.66 -4.93
C HIS A 485 2.65 -15.82 -3.76
N LYS A 486 1.35 -15.82 -4.02
CA LYS A 486 0.37 -16.04 -2.96
C LYS A 486 0.52 -17.44 -2.36
N GLY A 487 0.86 -18.41 -3.21
CA GLY A 487 1.17 -19.77 -2.77
C GLY A 487 2.30 -19.78 -1.76
N TYR A 488 3.39 -19.09 -2.07
CA TYR A 488 4.53 -18.99 -1.18
C TYR A 488 4.13 -18.32 0.14
N MET A 489 3.32 -17.26 0.04
CA MET A 489 2.89 -16.49 1.20
C MET A 489 2.08 -17.37 2.16
N LEU A 490 1.13 -18.12 1.60
CA LEU A 490 0.25 -18.98 2.39
C LEU A 490 0.99 -20.17 3.02
N ALA A 491 1.90 -20.78 2.27
CA ALA A 491 2.80 -21.77 2.82
C ALA A 491 3.59 -21.23 4.03
N ALA A 492 4.18 -20.05 3.90
CA ALA A 492 4.95 -19.46 5.02
C ALA A 492 4.06 -19.19 6.23
N GLN A 493 2.82 -18.78 5.96
CA GLN A 493 1.83 -18.59 6.99
C GLN A 493 1.51 -19.89 7.73
N ARG A 494 1.22 -20.96 6.97
CA ARG A 494 0.88 -22.25 7.58
C ARG A 494 2.09 -22.80 8.33
N ASN A 495 3.27 -22.64 7.75
CA ASN A 495 4.53 -23.00 8.40
C ASN A 495 4.73 -22.26 9.73
N GLY A 496 4.38 -20.97 9.75
CA GLY A 496 4.39 -20.16 10.97
C GLY A 496 3.48 -20.73 12.06
N GLU A 497 2.31 -21.24 11.67
CA GLU A 497 1.40 -21.83 12.67
C GLU A 497 1.94 -23.14 13.27
N ILE A 498 2.66 -23.93 12.47
CA ILE A 498 3.28 -25.17 12.96
C ILE A 498 4.31 -24.87 14.07
N ILE A 499 5.09 -23.81 13.85
CA ILE A 499 6.09 -23.36 14.82
C ILE A 499 5.45 -22.86 16.11
N LYS A 500 4.39 -22.06 15.97
CA LYS A 500 3.61 -21.58 17.11
C LYS A 500 3.12 -22.73 17.99
N GLU A 501 2.52 -23.75 17.38
CA GLU A 501 2.10 -24.96 18.09
C GLU A 501 3.27 -25.56 18.86
N ALA A 502 4.40 -25.75 18.16
CA ALA A 502 5.57 -26.41 18.73
C ALA A 502 6.11 -25.65 19.93
N LEU A 503 6.05 -24.33 19.85
CA LEU A 503 6.44 -23.46 20.96
C LEU A 503 5.64 -23.69 22.24
N HIS A 504 4.51 -24.39 22.18
CA HIS A 504 3.80 -24.77 23.41
C HIS A 504 4.60 -25.76 24.23
N ASN A 505 5.47 -26.51 23.56
CA ASN A 505 6.32 -27.52 24.21
C ASN A 505 7.80 -27.46 23.83
N PRO A 506 8.49 -26.35 24.16
CA PRO A 506 9.89 -26.21 23.74
C PRO A 506 10.82 -27.14 24.52
N ASN A 507 11.84 -27.66 23.85
CA ASN A 507 12.79 -28.58 24.49
C ASN A 507 13.91 -27.86 25.23
N LEU A 508 14.43 -28.51 26.25
CA LEU A 508 15.52 -27.95 27.04
C LEU A 508 16.85 -28.49 26.51
N SER A 509 17.34 -27.85 25.46
CA SER A 509 18.63 -28.18 24.88
C SER A 509 19.22 -26.95 24.19
N VAL A 510 20.43 -27.09 23.66
CA VAL A 510 21.06 -26.03 22.90
C VAL A 510 21.20 -26.55 21.48
N ASP A 511 20.65 -25.80 20.53
CA ASP A 511 20.60 -26.22 19.13
C ASP A 511 20.51 -25.01 18.21
N GLU A 512 20.27 -25.26 16.92
CA GLU A 512 20.19 -24.22 15.91
C GLU A 512 18.86 -24.27 15.17
N PRO A 513 18.43 -23.13 14.58
CA PRO A 513 17.30 -23.21 13.66
C PRO A 513 17.60 -24.10 12.46
N LEU A 514 16.60 -24.82 11.97
CA LEU A 514 16.73 -25.67 10.78
C LEU A 514 16.88 -24.84 9.52
N ASP A 515 17.68 -25.31 8.57
CA ASP A 515 17.84 -24.61 7.30
C ASP A 515 16.77 -25.05 6.31
N VAL A 516 15.70 -24.27 6.20
CA VAL A 516 14.54 -24.67 5.40
C VAL A 516 14.04 -23.56 4.48
N ASP A 517 13.30 -23.95 3.46
CA ASP A 517 12.61 -22.98 2.60
C ASP A 517 11.16 -22.82 3.09
N TYR A 518 10.89 -21.68 3.72
CA TYR A 518 9.59 -21.41 4.33
C TYR A 518 8.47 -21.17 3.31
N ARG A 519 8.83 -21.05 2.04
CA ARG A 519 7.86 -20.86 0.95
C ARG A 519 7.14 -22.16 0.57
N PHE A 520 7.58 -23.28 1.15
CA PHE A 520 6.96 -24.59 0.89
C PHE A 520 6.54 -25.26 2.18
N ASP A 521 5.36 -25.88 2.18
CA ASP A 521 4.84 -26.62 3.34
C ASP A 521 5.88 -27.59 3.90
N PHE A 522 6.03 -27.58 5.22
CA PHE A 522 7.06 -28.37 5.89
C PHE A 522 6.76 -29.85 5.68
N SER A 523 7.79 -30.60 5.31
CA SER A 523 7.70 -32.06 5.21
C SER A 523 7.51 -32.69 6.59
N ASP A 524 7.17 -33.98 6.61
CA ASP A 524 7.06 -34.71 7.88
C ASP A 524 8.37 -34.75 8.66
N GLU A 525 9.49 -34.88 7.96
CA GLU A 525 10.80 -34.90 8.60
C GLU A 525 11.08 -33.58 9.32
N ILE A 526 10.75 -32.47 8.67
CA ILE A 526 10.93 -31.15 9.27
C ILE A 526 10.02 -30.97 10.49
N LYS A 527 8.75 -31.37 10.37
CA LYS A 527 7.81 -31.29 11.49
C LYS A 527 8.35 -32.02 12.72
N GLU A 528 8.90 -33.22 12.50
CA GLU A 528 9.44 -34.02 13.59
C GLU A 528 10.62 -33.34 14.29
N LYS A 529 11.55 -32.79 13.51
CA LYS A 529 12.71 -32.08 14.08
C LYS A 529 12.28 -30.82 14.86
N ILE A 530 11.22 -30.17 14.37
CA ILE A 530 10.68 -28.96 15.00
C ILE A 530 10.17 -29.27 16.41
N LYS A 531 9.54 -30.44 16.56
CA LYS A 531 9.03 -30.90 17.85
C LYS A 531 10.13 -31.15 18.89
N LYS A 532 11.38 -31.15 18.45
CA LYS A 532 12.51 -31.41 19.35
C LYS A 532 13.38 -30.18 19.59
N LEU A 533 12.99 -29.04 19.02
CA LEU A 533 13.82 -27.84 19.09
C LEU A 533 13.60 -27.00 20.35
N SER A 534 14.63 -26.23 20.71
CA SER A 534 14.55 -25.27 21.81
C SER A 534 13.66 -24.09 21.42
N ALA A 535 13.19 -23.36 22.42
CA ALA A 535 12.39 -22.15 22.21
C ALA A 535 13.18 -21.11 21.42
N LYS A 536 14.45 -20.94 21.77
CA LYS A 536 15.34 -20.00 21.07
C LYS A 536 15.40 -20.31 19.57
N SER A 537 15.60 -21.58 19.22
CA SER A 537 15.60 -21.99 17.81
C SER A 537 14.25 -21.79 17.14
N LEU A 538 13.17 -22.18 17.84
CA LEU A 538 11.81 -22.08 17.29
C LEU A 538 11.43 -20.64 17.03
N ASN A 539 11.76 -19.77 17.97
CA ASN A 539 11.54 -18.34 17.79
C ASN A 539 12.32 -17.74 16.63
N GLU A 540 13.56 -18.17 16.45
CA GLU A 540 14.31 -17.71 15.28
C GLU A 540 13.63 -18.21 14.00
N MET A 541 13.20 -19.47 14.00
CA MET A 541 12.44 -20.02 12.88
C MET A 541 11.13 -19.26 12.61
N LEU A 542 10.41 -18.87 13.67
CA LEU A 542 9.16 -18.16 13.50
C LEU A 542 9.42 -16.79 12.87
N PHE A 543 10.44 -16.09 13.36
CA PHE A 543 10.84 -14.81 12.76
C PHE A 543 11.10 -14.98 11.27
N ARG A 544 11.86 -16.02 10.91
CA ARG A 544 12.22 -16.26 9.51
C ARG A 544 11.00 -16.63 8.65
N ALA A 545 10.12 -17.46 9.19
CA ALA A 545 8.84 -17.79 8.54
C ALA A 545 8.01 -16.51 8.27
N GLN A 546 7.90 -15.65 9.29
CA GLN A 546 7.13 -14.41 9.17
C GLN A 546 7.77 -13.44 8.18
N ARG A 547 9.10 -13.37 8.16
CA ARG A 547 9.80 -12.63 7.12
C ARG A 547 9.54 -13.19 5.71
N THR A 548 9.53 -14.51 5.58
CA THR A 548 9.15 -15.13 4.31
C THR A 548 7.72 -14.77 3.91
N GLU A 549 6.79 -14.87 4.86
CA GLU A 549 5.40 -14.47 4.65
C GLU A 549 5.28 -13.01 4.19
N VAL A 550 6.00 -12.11 4.84
CA VAL A 550 6.01 -10.71 4.43
C VAL A 550 6.48 -10.54 2.98
N ALA A 551 7.56 -11.23 2.62
CA ALA A 551 8.10 -11.14 1.27
C ALA A 551 7.08 -11.66 0.24
N GLY A 552 6.47 -12.81 0.51
CA GLY A 552 5.37 -13.28 -0.35
C GLY A 552 4.19 -12.30 -0.43
N MET A 553 3.85 -11.68 0.70
CA MET A 553 2.77 -10.69 0.74
C MET A 553 3.07 -9.48 -0.16
N THR A 554 4.26 -8.92 -0.04
CA THR A 554 4.66 -7.82 -0.93
C THR A 554 4.52 -8.25 -2.39
N ALA A 555 5.02 -9.43 -2.72
CA ALA A 555 5.04 -9.85 -4.10
C ALA A 555 3.64 -10.12 -4.65
N GLN A 556 2.79 -10.76 -3.85
CA GLN A 556 1.44 -11.12 -4.29
C GLN A 556 0.45 -9.95 -4.30
N ILE A 557 0.37 -9.20 -3.20
CA ILE A 557 -0.64 -8.16 -3.08
C ILE A 557 -0.46 -7.04 -4.10
N ASN A 558 0.81 -6.73 -4.43
CA ASN A 558 1.04 -5.63 -5.35
C ASN A 558 0.91 -6.06 -6.80
N ARG A 559 0.98 -7.37 -7.05
CA ARG A 559 0.59 -7.87 -8.37
C ARG A 559 -0.92 -7.89 -8.49
N LYS A 560 -1.61 -8.31 -7.42
CA LYS A 560 -3.06 -8.07 -7.25
C LYS A 560 -3.41 -6.60 -7.49
N ALA A 561 -2.67 -5.67 -6.85
CA ALA A 561 -2.96 -4.25 -7.03
C ALA A 561 -2.81 -3.81 -8.49
N LEU A 562 -1.79 -4.34 -9.17
CA LEU A 562 -1.55 -3.98 -10.57
C LEU A 562 -2.68 -4.42 -11.50
N ILE A 563 -3.11 -5.67 -11.37
CA ILE A 563 -4.16 -6.16 -12.25
C ILE A 563 -5.51 -5.51 -11.94
N ASN A 564 -5.79 -5.28 -10.66
CA ASN A 564 -6.99 -4.52 -10.27
C ASN A 564 -6.91 -3.09 -10.79
N GLY A 565 -5.68 -2.56 -10.86
CA GLY A 565 -5.48 -1.19 -11.36
C GLY A 565 -5.89 -1.07 -12.82
N LEU A 566 -5.74 -2.15 -13.58
CA LEU A 566 -6.16 -2.14 -15.00
C LEU A 566 -7.68 -2.02 -15.16
N ALA A 567 -8.43 -2.76 -14.33
CA ALA A 567 -9.90 -2.61 -14.29
C ALA A 567 -10.31 -1.15 -14.03
N GLY A 568 -9.65 -0.50 -13.07
CA GLY A 568 -9.88 0.92 -12.78
C GLY A 568 -9.35 1.89 -13.82
N ALA A 569 -8.21 1.55 -14.44
CA ALA A 569 -7.62 2.40 -15.49
C ALA A 569 -8.59 2.63 -16.65
N LEU A 570 -9.42 1.61 -16.93
CA LEU A 570 -10.46 1.71 -17.95
C LEU A 570 -11.45 2.83 -17.65
N GLY A 571 -11.52 3.23 -16.37
CA GLY A 571 -12.34 4.37 -15.98
C GLY A 571 -11.56 5.62 -15.61
N ASN A 572 -10.30 5.68 -16.05
CA ASN A 572 -9.45 6.86 -15.86
C ASN A 572 -9.23 7.57 -17.20
N VAL A 573 -9.55 8.87 -17.26
CA VAL A 573 -9.58 9.63 -18.52
C VAL A 573 -8.21 9.83 -19.18
N TRP A 574 -7.13 9.59 -18.43
CA TRP A 574 -5.77 9.67 -18.97
C TRP A 574 -5.25 8.38 -19.59
N PHE A 575 -5.97 7.28 -19.40
CA PHE A 575 -5.59 5.99 -19.94
C PHE A 575 -5.89 5.93 -21.44
N ARG A 576 -4.95 5.37 -22.21
CA ARG A 576 -5.13 5.27 -23.68
C ARG A 576 -6.38 4.47 -24.03
N TYR A 577 -6.73 3.51 -23.17
CA TYR A 577 -7.89 2.64 -23.44
C TYR A 577 -9.11 2.94 -22.56
N TYR A 578 -9.18 4.17 -22.06
CA TYR A 578 -10.34 4.65 -21.35
C TYR A 578 -11.60 4.36 -22.13
N ASP A 579 -12.54 3.66 -21.51
CA ASP A 579 -13.81 3.39 -22.13
C ASP A 579 -14.80 3.05 -21.02
N LEU A 580 -15.76 3.93 -20.79
CA LEU A 580 -16.74 3.68 -19.73
C LEU A 580 -17.60 2.46 -20.04
N ARG A 581 -17.73 2.09 -21.31
CA ARG A 581 -18.46 0.87 -21.66
C ARG A 581 -17.77 -0.37 -21.08
N ASN A 582 -16.44 -0.39 -21.13
CA ASN A 582 -15.69 -1.53 -20.60
C ASN A 582 -15.59 -1.48 -19.07
N ALA A 583 -15.36 -0.30 -18.51
CA ALA A 583 -15.27 -0.16 -17.06
C ALA A 583 -16.59 -0.59 -16.40
N THR A 584 -17.72 -0.17 -16.99
CA THR A 584 -19.02 -0.54 -16.43
C THR A 584 -19.43 -1.96 -16.78
N ALA A 585 -18.86 -2.52 -17.84
CA ALA A 585 -19.08 -3.94 -18.14
C ALA A 585 -18.57 -4.79 -16.98
N ILE A 586 -17.44 -4.39 -16.40
CA ILE A 586 -16.82 -5.10 -15.27
C ILE A 586 -17.65 -4.95 -13.99
N THR A 587 -17.90 -3.70 -13.59
CA THR A 587 -18.61 -3.42 -12.33
C THR A 587 -20.04 -3.99 -12.31
N THR A 588 -20.77 -3.84 -13.42
CA THR A 588 -22.15 -4.32 -13.52
C THR A 588 -22.22 -5.86 -13.56
N PHE A 589 -21.26 -6.48 -14.25
CA PHE A 589 -21.14 -7.95 -14.22
C PHE A 589 -20.89 -8.38 -12.78
N GLY A 590 -20.04 -7.64 -12.07
CA GLY A 590 -19.73 -7.94 -10.65
C GLY A 590 -20.97 -7.89 -9.76
N GLN A 591 -21.81 -6.89 -10.00
CA GLN A 591 -23.05 -6.71 -9.24
C GLN A 591 -23.99 -7.87 -9.46
N MET A 592 -24.10 -8.31 -10.72
CA MET A 592 -24.93 -9.47 -11.07
C MET A 592 -24.42 -10.74 -10.42
N ALA A 593 -23.12 -10.97 -10.50
CA ALA A 593 -22.50 -12.20 -10.00
C ALA A 593 -22.76 -12.40 -8.49
N LEU A 594 -22.53 -11.34 -7.72
CA LEU A 594 -22.80 -11.36 -6.28
C LEU A 594 -24.28 -11.70 -5.98
N GLN A 595 -25.20 -11.00 -6.61
CA GLN A 595 -26.62 -11.22 -6.31
C GLN A 595 -27.14 -12.53 -6.90
N TRP A 596 -26.55 -12.94 -8.02
CA TRP A 596 -26.86 -14.23 -8.64
C TRP A 596 -26.51 -15.33 -7.67
N ILE A 597 -25.27 -15.30 -7.18
CA ILE A 597 -24.78 -16.37 -6.34
C ILE A 597 -25.42 -16.35 -4.95
N GLU A 598 -25.77 -15.16 -4.45
CA GLU A 598 -26.58 -15.06 -3.23
C GLU A 598 -27.86 -15.88 -3.37
N ARG A 599 -28.60 -15.65 -4.46
CA ARG A 599 -29.81 -16.40 -4.77
C ARG A 599 -29.56 -17.91 -4.82
N LYS A 600 -28.49 -18.33 -5.48
CA LYS A 600 -28.19 -19.77 -5.64
C LYS A 600 -27.83 -20.43 -4.30
N VAL A 601 -27.07 -19.71 -3.48
CA VAL A 601 -26.62 -20.23 -2.19
C VAL A 601 -27.82 -20.35 -1.24
N ASN A 602 -28.69 -19.34 -1.25
CA ASN A 602 -29.93 -19.41 -0.47
C ASN A 602 -30.81 -20.58 -0.91
N GLU A 603 -30.98 -20.73 -2.22
CA GLU A 603 -31.77 -21.83 -2.77
C GLU A 603 -31.16 -23.17 -2.39
N TYR A 604 -29.84 -23.31 -2.50
CA TYR A 604 -29.17 -24.56 -2.15
C TYR A 604 -29.38 -24.90 -0.67
N LEU A 605 -29.14 -23.92 0.21
CA LEU A 605 -29.21 -24.17 1.65
C LEU A 605 -30.63 -24.40 2.18
N ASN A 606 -31.63 -23.76 1.58
CA ASN A 606 -33.02 -24.05 1.92
C ASN A 606 -33.41 -25.48 1.59
N GLU A 607 -32.82 -26.00 0.50
CA GLU A 607 -33.03 -27.38 0.08
C GLU A 607 -32.41 -28.37 1.06
N VAL A 608 -31.13 -28.17 1.41
CA VAL A 608 -30.47 -29.06 2.38
C VAL A 608 -31.11 -29.00 3.77
N CYS A 609 -31.66 -27.84 4.14
CA CYS A 609 -32.31 -27.67 5.45
C CYS A 609 -33.82 -27.93 5.44
N GLY A 610 -34.40 -28.03 4.24
CA GLY A 610 -35.82 -28.34 4.10
C GLY A 610 -36.73 -27.18 4.44
N THR A 611 -36.24 -25.95 4.27
CA THR A 611 -37.05 -24.75 4.53
C THR A 611 -37.40 -23.99 3.25
N GLU A 612 -38.04 -22.84 3.41
CA GLU A 612 -38.37 -21.96 2.29
C GLU A 612 -38.20 -20.49 2.72
N GLY A 613 -37.56 -19.71 1.85
CA GLY A 613 -37.46 -18.27 2.06
C GLY A 613 -36.52 -17.81 3.17
N GLU A 614 -35.80 -18.74 3.79
CA GLU A 614 -34.81 -18.39 4.82
C GLU A 614 -33.61 -17.69 4.17
N ALA A 615 -33.17 -16.61 4.79
CA ALA A 615 -31.96 -15.92 4.33
C ALA A 615 -30.73 -16.53 5.00
N PHE A 616 -29.96 -17.31 4.25
CA PHE A 616 -28.70 -17.85 4.75
C PHE A 616 -27.53 -16.92 4.47
N VAL A 617 -27.60 -16.18 3.36
CA VAL A 617 -26.59 -15.15 3.07
C VAL A 617 -26.97 -13.89 3.83
N LEU A 618 -26.12 -13.51 4.77
CA LEU A 618 -26.44 -12.42 5.68
C LEU A 618 -25.83 -11.11 5.21
N TYR A 619 -24.82 -11.22 4.34
CA TYR A 619 -24.04 -10.06 3.91
C TYR A 619 -23.19 -10.37 2.71
N GLY A 620 -22.80 -9.32 2.00
CA GLY A 620 -21.90 -9.44 0.87
C GLY A 620 -21.49 -8.06 0.39
N ASP A 621 -20.28 -7.97 -0.14
CA ASP A 621 -19.69 -6.71 -0.56
C ASP A 621 -18.80 -6.97 -1.75
N THR A 622 -19.25 -6.50 -2.92
CA THR A 622 -18.51 -6.57 -4.19
C THR A 622 -18.50 -8.00 -4.78
N ASP A 623 -17.81 -8.93 -4.12
CA ASP A 623 -17.57 -10.26 -4.67
C ASP A 623 -17.57 -11.34 -3.59
N SER A 624 -18.11 -11.01 -2.42
CA SER A 624 -18.06 -11.88 -1.25
C SER A 624 -19.46 -12.19 -0.71
N ILE A 625 -19.61 -13.37 -0.10
CA ILE A 625 -20.82 -13.67 0.66
C ILE A 625 -20.45 -14.23 2.02
N TYR A 626 -21.25 -13.88 3.03
CA TYR A 626 -21.11 -14.39 4.39
C TYR A 626 -22.35 -15.20 4.68
N VAL A 627 -22.14 -16.49 4.99
CA VAL A 627 -23.22 -17.45 5.12
C VAL A 627 -23.35 -17.88 6.58
N SER A 628 -24.56 -17.73 7.12
CA SER A 628 -24.84 -18.19 8.48
C SER A 628 -24.81 -19.70 8.52
N ALA A 629 -23.97 -20.27 9.38
CA ALA A 629 -23.82 -21.73 9.50
C ALA A 629 -24.51 -22.31 10.76
N ASP A 630 -25.21 -21.46 11.50
CA ASP A 630 -25.93 -21.89 12.70
C ASP A 630 -26.72 -23.18 12.49
N LYS A 631 -27.54 -23.20 11.45
CA LYS A 631 -28.42 -24.35 11.16
C LYS A 631 -27.63 -25.61 10.82
N ILE A 632 -26.48 -25.43 10.16
CA ILE A 632 -25.59 -26.55 9.81
C ILE A 632 -25.02 -27.19 11.07
N ILE A 633 -24.47 -26.36 11.97
CA ILE A 633 -23.98 -26.80 13.27
C ILE A 633 -25.08 -27.49 14.08
N ASP A 634 -26.27 -26.88 14.12
CA ASP A 634 -27.39 -27.42 14.90
C ASP A 634 -27.94 -28.74 14.36
N LYS A 635 -27.78 -29.00 13.07
CA LYS A 635 -28.21 -30.27 12.50
C LYS A 635 -27.39 -31.44 13.03
N VAL A 636 -26.13 -31.17 13.36
CA VAL A 636 -25.29 -32.18 13.99
C VAL A 636 -25.43 -32.14 15.51
N GLY A 637 -25.59 -30.92 16.05
CA GLY A 637 -25.73 -30.71 17.49
C GLY A 637 -24.38 -30.41 18.12
N GLU A 638 -24.28 -29.29 18.85
CA GLU A 638 -23.01 -28.88 19.50
C GLU A 638 -22.44 -29.94 20.43
N SER A 639 -23.31 -30.80 20.97
CA SER A 639 -22.93 -31.85 21.92
C SER A 639 -22.07 -32.92 21.28
N LYS A 640 -22.16 -33.05 19.96
CA LYS A 640 -21.48 -34.11 19.24
C LYS A 640 -20.02 -33.78 18.93
N PHE A 641 -19.60 -32.53 19.12
CA PHE A 641 -18.21 -32.14 18.85
C PHE A 641 -17.31 -32.30 20.06
N ARG A 642 -16.08 -32.75 19.81
CA ARG A 642 -15.09 -32.97 20.87
C ARG A 642 -14.46 -31.67 21.37
N ASP A 643 -14.24 -30.74 20.44
CA ASP A 643 -13.60 -29.45 20.72
C ASP A 643 -13.91 -28.47 19.58
N THR A 644 -13.41 -27.26 19.70
CA THR A 644 -13.58 -26.23 18.67
C THR A 644 -13.06 -26.73 17.34
N ASN A 645 -11.85 -27.27 17.33
CA ASN A 645 -11.23 -27.73 16.09
C ASN A 645 -12.06 -28.78 15.36
N HIS A 646 -12.86 -29.53 16.11
CA HIS A 646 -13.73 -30.56 15.52
C HIS A 646 -14.81 -29.95 14.63
N TRP A 647 -15.54 -28.96 15.15
CA TRP A 647 -16.55 -28.30 14.30
C TRP A 647 -15.96 -27.46 13.21
N VAL A 648 -14.74 -26.93 13.42
CA VAL A 648 -14.07 -26.17 12.37
C VAL A 648 -13.77 -27.11 11.19
N ASP A 649 -13.24 -28.29 11.49
CA ASP A 649 -13.03 -29.35 10.48
C ASP A 649 -14.32 -29.65 9.75
N PHE A 650 -15.39 -29.80 10.51
CA PHE A 650 -16.70 -30.15 9.96
C PHE A 650 -17.17 -29.11 8.96
N LEU A 651 -17.11 -27.83 9.36
CA LEU A 651 -17.49 -26.73 8.46
C LEU A 651 -16.59 -26.60 7.26
N ASP A 652 -15.28 -26.82 7.45
CA ASP A 652 -14.31 -26.75 6.37
C ASP A 652 -14.62 -27.79 5.30
N LYS A 653 -14.97 -28.99 5.74
CA LYS A 653 -15.39 -30.08 4.86
C LYS A 653 -16.73 -29.78 4.17
N PHE A 654 -17.68 -29.26 4.94
CA PHE A 654 -18.98 -28.89 4.39
C PHE A 654 -18.82 -27.82 3.31
N ALA A 655 -17.97 -26.82 3.57
CA ALA A 655 -17.70 -25.76 2.61
C ALA A 655 -17.03 -26.32 1.34
N ARG A 656 -16.10 -27.24 1.54
CA ARG A 656 -15.31 -27.80 0.44
C ARG A 656 -16.12 -28.79 -0.41
N GLU A 657 -16.90 -29.65 0.25
CA GLU A 657 -17.56 -30.76 -0.44
C GLU A 657 -19.03 -30.50 -0.82
N ARG A 658 -19.65 -29.52 -0.19
CA ARG A 658 -21.05 -29.20 -0.47
C ARG A 658 -21.22 -27.81 -1.05
N MET A 659 -20.68 -26.81 -0.36
CA MET A 659 -20.91 -25.40 -0.71
C MET A 659 -20.25 -25.02 -2.03
N GLU A 660 -18.95 -25.29 -2.12
CA GLU A 660 -18.17 -24.92 -3.29
C GLU A 660 -18.61 -25.60 -4.58
N PRO A 661 -18.97 -26.90 -4.53
CA PRO A 661 -19.56 -27.50 -5.73
C PRO A 661 -20.87 -26.83 -6.14
N ALA A 662 -21.70 -26.48 -5.17
CA ALA A 662 -22.97 -25.82 -5.44
C ALA A 662 -22.75 -24.42 -6.01
N ILE A 663 -21.78 -23.71 -5.47
CA ILE A 663 -21.45 -22.37 -5.94
C ILE A 663 -20.96 -22.45 -7.40
N ASP A 664 -20.03 -23.37 -7.66
CA ASP A 664 -19.46 -23.58 -8.98
C ASP A 664 -20.56 -23.87 -9.99
N ARG A 665 -21.50 -24.75 -9.64
CA ARG A 665 -22.64 -25.04 -10.51
C ARG A 665 -23.47 -23.78 -10.83
N GLY A 666 -23.78 -23.01 -9.80
CA GLY A 666 -24.48 -21.73 -9.98
C GLY A 666 -23.76 -20.80 -10.95
N PHE A 667 -22.45 -20.69 -10.80
CA PHE A 667 -21.67 -19.82 -11.68
C PHE A 667 -21.51 -20.35 -13.10
N ARG A 668 -21.43 -21.67 -13.27
CA ARG A 668 -21.37 -22.25 -14.62
C ARG A 668 -22.65 -21.95 -15.39
N GLU A 669 -23.78 -21.98 -14.70
CA GLU A 669 -25.04 -21.62 -15.32
C GLU A 669 -25.08 -20.14 -15.73
N MET A 670 -24.53 -19.28 -14.87
CA MET A 670 -24.49 -17.85 -15.14
C MET A 670 -23.59 -17.57 -16.36
N CYS A 671 -22.46 -18.28 -16.44
CA CYS A 671 -21.53 -18.18 -17.58
C CYS A 671 -22.23 -18.56 -18.89
N GLU A 672 -23.03 -19.61 -18.88
CA GLU A 672 -23.81 -19.99 -20.05
C GLU A 672 -24.88 -18.96 -20.42
N TYR A 673 -25.46 -18.34 -19.39
CA TYR A 673 -26.53 -17.35 -19.55
C TYR A 673 -26.00 -16.10 -20.23
N MET A 674 -24.83 -15.63 -19.77
CA MET A 674 -24.11 -14.53 -20.38
C MET A 674 -23.29 -14.93 -21.61
N ASN A 675 -23.28 -16.23 -21.96
CA ASN A 675 -22.51 -16.76 -23.11
C ASN A 675 -21.03 -16.38 -23.05
N ASN A 676 -20.45 -16.41 -21.86
CA ASN A 676 -19.09 -15.93 -21.71
C ASN A 676 -18.08 -16.85 -22.35
N LYS A 677 -16.87 -16.31 -22.57
CA LYS A 677 -15.83 -17.05 -23.24
C LYS A 677 -15.32 -18.21 -22.37
N GLN A 678 -15.18 -17.97 -21.08
CA GLN A 678 -14.57 -18.95 -20.18
C GLN A 678 -15.08 -18.78 -18.75
N HIS A 679 -15.44 -19.89 -18.11
CA HIS A 679 -15.87 -19.86 -16.71
C HIS A 679 -14.70 -19.68 -15.79
N LEU A 680 -14.64 -18.53 -15.13
CA LEU A 680 -13.51 -18.20 -14.27
C LEU A 680 -13.95 -17.59 -12.95
N MET A 681 -15.23 -17.74 -12.63
CA MET A 681 -15.75 -17.27 -11.35
C MET A 681 -15.50 -18.36 -10.30
N PHE A 682 -14.40 -18.23 -9.57
CA PHE A 682 -14.02 -19.21 -8.54
C PHE A 682 -14.14 -18.56 -7.17
N MET A 683 -15.23 -18.91 -6.49
CA MET A 683 -15.57 -18.34 -5.20
C MET A 683 -15.22 -19.35 -4.11
N ASP A 684 -14.02 -19.21 -3.58
CA ASP A 684 -13.48 -20.15 -2.62
C ASP A 684 -13.78 -19.69 -1.20
N ARG A 685 -13.82 -20.64 -0.28
CA ARG A 685 -14.08 -20.36 1.13
C ARG A 685 -12.97 -19.46 1.68
N GLU A 686 -13.35 -18.42 2.39
CA GLU A 686 -12.38 -17.53 2.99
C GLU A 686 -12.25 -17.90 4.47
N ALA A 687 -13.26 -17.52 5.26
CA ALA A 687 -13.18 -17.63 6.70
C ALA A 687 -14.18 -18.64 7.26
N ILE A 688 -13.77 -19.32 8.32
CA ILE A 688 -14.67 -20.10 9.17
C ILE A 688 -14.67 -19.48 10.57
N ALA A 689 -15.82 -19.02 11.02
CA ALA A 689 -15.92 -18.22 12.22
C ALA A 689 -16.95 -18.74 13.22
N GLY A 690 -16.67 -18.53 14.50
CA GLY A 690 -17.55 -18.93 15.59
C GLY A 690 -16.92 -18.77 16.97
N PRO A 691 -17.72 -18.87 18.04
CA PRO A 691 -17.19 -18.79 19.40
C PRO A 691 -16.45 -20.08 19.78
N PRO A 692 -15.54 -20.01 20.76
CA PRO A 692 -14.95 -21.25 21.30
C PRO A 692 -16.02 -22.21 21.82
N LEU A 693 -15.88 -23.49 21.52
CA LEU A 693 -16.86 -24.50 21.93
C LEU A 693 -17.04 -24.46 23.44
N GLY A 694 -18.29 -24.40 23.89
CA GLY A 694 -18.62 -24.37 25.31
C GLY A 694 -18.60 -23.00 25.97
N SER A 695 -18.16 -21.97 25.25
CA SER A 695 -18.07 -20.63 25.81
C SER A 695 -19.37 -19.86 25.66
N LYS A 696 -19.42 -18.64 26.20
CA LYS A 696 -20.55 -17.75 25.97
C LYS A 696 -20.22 -16.64 24.95
N GLY A 697 -19.19 -16.84 24.15
CA GLY A 697 -18.82 -15.89 23.08
C GLY A 697 -19.93 -15.83 22.05
N ILE A 698 -20.10 -14.67 21.40
CA ILE A 698 -21.16 -14.55 20.40
C ILE A 698 -20.68 -14.88 18.96
N GLY A 699 -19.36 -15.01 18.79
CA GLY A 699 -18.79 -15.42 17.49
C GLY A 699 -18.53 -14.27 16.53
N GLY A 700 -19.56 -13.47 16.28
CA GLY A 700 -19.44 -12.35 15.34
C GLY A 700 -20.61 -11.41 15.45
N PHE A 701 -20.46 -10.22 14.85
CA PHE A 701 -21.53 -9.20 14.74
C PHE A 701 -21.32 -8.24 13.56
N TRP A 702 -22.42 -7.78 12.98
CA TRP A 702 -22.44 -6.69 12.01
C TRP A 702 -23.17 -5.51 12.59
N THR A 703 -22.68 -4.29 12.34
CA THR A 703 -23.43 -3.09 12.72
C THR A 703 -24.07 -2.46 11.48
N GLY A 704 -23.52 -2.74 10.31
CA GLY A 704 -23.95 -2.14 9.06
C GLY A 704 -23.00 -2.52 7.96
N LYS A 705 -23.21 -1.94 6.79
CA LYS A 705 -22.31 -2.13 5.64
C LYS A 705 -20.89 -1.75 5.99
N LYS A 706 -19.95 -2.60 5.58
CA LYS A 706 -18.51 -2.35 5.76
C LYS A 706 -18.12 -2.21 7.24
N ARG A 707 -18.90 -2.84 8.13
CA ARG A 707 -18.67 -2.78 9.57
C ARG A 707 -19.06 -4.09 10.26
N TYR A 708 -18.07 -4.89 10.61
CA TYR A 708 -18.31 -6.19 11.23
C TYR A 708 -17.06 -6.74 11.90
N ALA A 709 -17.25 -7.79 12.68
CA ALA A 709 -16.18 -8.48 13.39
C ALA A 709 -16.52 -9.96 13.49
N LEU A 710 -15.50 -10.81 13.29
CA LEU A 710 -15.68 -12.25 13.33
C LEU A 710 -14.48 -12.88 14.04
N ASN A 711 -14.77 -13.90 14.83
CA ASN A 711 -13.76 -14.73 15.47
C ASN A 711 -13.42 -15.92 14.58
N VAL A 712 -12.25 -15.85 13.94
CA VAL A 712 -11.89 -16.72 12.82
C VAL A 712 -10.92 -17.81 13.27
N TRP A 713 -11.23 -19.04 12.90
CA TRP A 713 -10.39 -20.19 13.23
C TRP A 713 -9.56 -20.67 12.06
N ASP A 714 -10.03 -20.38 10.86
CA ASP A 714 -9.35 -20.83 9.67
C ASP A 714 -9.55 -19.79 8.59
N MET A 715 -8.44 -19.39 7.95
CA MET A 715 -8.49 -18.36 6.94
C MET A 715 -7.74 -18.85 5.68
N GLU A 716 -8.51 -19.10 4.62
CA GLU A 716 -7.97 -19.53 3.32
C GLU A 716 -7.03 -20.74 3.45
N GLY A 717 -7.37 -21.62 4.37
CA GLY A 717 -6.65 -22.87 4.59
C GLY A 717 -5.62 -22.82 5.70
N THR A 718 -5.42 -21.66 6.30
CA THR A 718 -4.54 -21.55 7.46
C THR A 718 -5.37 -21.82 8.72
N ARG A 719 -5.04 -22.90 9.43
CA ARG A 719 -5.69 -23.25 10.70
C ARG A 719 -4.84 -22.65 11.81
N TYR A 720 -5.39 -21.67 12.52
CA TYR A 720 -4.62 -20.94 13.51
C TYR A 720 -4.39 -21.74 14.77
N ALA A 721 -3.22 -21.54 15.39
CA ALA A 721 -2.96 -22.07 16.73
C ALA A 721 -3.88 -21.38 17.74
N GLU A 722 -4.12 -20.08 17.54
CA GLU A 722 -5.05 -19.30 18.38
C GLU A 722 -6.01 -18.53 17.48
N PRO A 723 -7.30 -18.42 17.87
CA PRO A 723 -8.25 -17.75 16.98
C PRO A 723 -7.85 -16.30 16.73
N LYS A 724 -8.21 -15.79 15.56
CA LYS A 724 -7.84 -14.45 15.18
C LYS A 724 -9.07 -13.63 14.85
N LEU A 725 -9.07 -12.37 15.24
CA LEU A 725 -10.20 -11.49 14.96
C LEU A 725 -10.10 -10.94 13.55
N LYS A 726 -11.12 -11.16 12.74
CA LYS A 726 -11.23 -10.41 11.49
C LYS A 726 -12.18 -9.25 11.75
N ILE A 727 -11.61 -8.03 11.82
CA ILE A 727 -12.40 -6.83 12.04
C ILE A 727 -12.30 -5.91 10.85
N MET A 728 -13.43 -5.53 10.28
CA MET A 728 -13.47 -4.59 9.16
C MET A 728 -14.27 -3.34 9.50
N GLY A 729 -13.71 -2.18 9.17
CA GLY A 729 -14.44 -0.93 9.22
C GLY A 729 -14.60 -0.29 10.59
N LEU A 730 -14.65 -1.11 11.63
CA LEU A 730 -14.82 -0.59 13.00
C LEU A 730 -13.62 0.24 13.42
N GLU A 731 -13.81 0.99 14.50
CA GLU A 731 -12.86 2.02 14.92
C GLU A 731 -11.48 1.47 15.29
N THR A 732 -11.41 0.17 15.62
CA THR A 732 -10.12 -0.49 15.84
C THR A 732 -9.23 -0.47 14.59
N GLN A 733 -9.84 -0.28 13.42
CA GLN A 733 -9.14 -0.36 12.13
C GLN A 733 -8.81 0.99 11.52
N LYS A 734 -9.23 2.08 12.18
CA LYS A 734 -9.09 3.42 11.60
C LYS A 734 -7.89 4.14 12.23
N SER A 735 -7.00 4.68 11.40
CA SER A 735 -5.85 5.44 11.90
C SER A 735 -6.25 6.68 12.70
N SER A 736 -7.48 7.16 12.50
CA SER A 736 -7.96 8.34 13.23
C SER A 736 -8.28 8.07 14.71
N THR A 737 -8.52 6.80 15.05
CA THR A 737 -8.84 6.38 16.41
C THR A 737 -7.60 6.33 17.31
N PRO A 738 -7.66 6.92 18.53
CA PRO A 738 -6.47 6.90 19.40
C PRO A 738 -5.92 5.50 19.60
N LYS A 739 -4.60 5.42 19.70
CA LYS A 739 -3.87 4.15 19.84
C LYS A 739 -4.39 3.26 20.95
N ALA A 740 -4.49 3.84 22.15
CA ALA A 740 -4.92 3.10 23.34
C ALA A 740 -6.40 2.72 23.24
N VAL A 741 -7.17 3.54 22.51
CA VAL A 741 -8.58 3.27 22.32
C VAL A 741 -8.80 2.11 21.36
N GLN A 742 -8.00 2.08 20.28
CA GLN A 742 -7.99 0.98 19.34
C GLN A 742 -7.78 -0.30 20.11
N LYS A 743 -6.80 -0.27 21.02
CA LYS A 743 -6.41 -1.43 21.81
C LYS A 743 -7.55 -1.88 22.71
N ALA A 744 -8.15 -0.92 23.44
CA ALA A 744 -9.28 -1.24 24.32
C ALA A 744 -10.50 -1.76 23.60
N LEU A 745 -10.88 -1.11 22.49
CA LEU A 745 -12.03 -1.57 21.71
C LEU A 745 -11.80 -2.96 21.14
N LYS A 746 -10.58 -3.25 20.71
CA LYS A 746 -10.27 -4.59 20.21
C LYS A 746 -10.44 -5.64 21.31
N GLU A 747 -9.96 -5.31 22.50
CA GLU A 747 -10.14 -6.20 23.65
C GLU A 747 -11.64 -6.39 24.01
N CYS A 748 -12.43 -5.31 23.94
CA CYS A 748 -13.88 -5.42 24.14
C CYS A 748 -14.52 -6.36 23.12
N ILE A 749 -14.15 -6.20 21.86
CA ILE A 749 -14.61 -7.08 20.79
C ILE A 749 -14.16 -8.53 21.00
N ARG A 750 -12.89 -8.72 21.37
CA ARG A 750 -12.39 -10.06 21.66
C ARG A 750 -13.27 -10.76 22.70
N ARG A 751 -13.55 -10.05 23.79
CA ARG A 751 -14.38 -10.57 24.86
C ARG A 751 -15.81 -10.88 24.41
N MET A 752 -16.43 -9.95 23.68
CA MET A 752 -17.76 -10.19 23.10
C MET A 752 -17.80 -11.48 22.30
N LEU A 753 -16.85 -11.62 21.37
CA LEU A 753 -16.83 -12.75 20.44
C LEU A 753 -16.39 -14.07 21.07
N GLN A 754 -15.53 -14.00 22.08
CA GLN A 754 -14.88 -15.20 22.61
C GLN A 754 -15.39 -15.66 23.97
N GLU A 755 -15.82 -14.70 24.80
CA GLU A 755 -16.11 -14.98 26.21
C GLU A 755 -17.53 -14.60 26.60
N GLY A 756 -18.02 -13.47 26.10
CA GLY A 756 -19.43 -13.12 26.28
C GLY A 756 -19.69 -11.83 27.04
N GLU A 757 -20.95 -11.62 27.39
CA GLU A 757 -21.42 -10.38 28.00
C GLU A 757 -20.75 -10.02 29.33
N GLU A 758 -20.63 -10.99 30.23
CA GLU A 758 -20.10 -10.67 31.56
C GLU A 758 -18.64 -10.26 31.51
N SER A 759 -17.86 -10.92 30.65
CA SER A 759 -16.46 -10.61 30.45
C SER A 759 -16.26 -9.19 29.89
N LEU A 760 -17.11 -8.82 28.94
CA LEU A 760 -17.09 -7.48 28.35
C LEU A 760 -17.36 -6.42 29.42
N GLN A 761 -18.35 -6.68 30.28
CA GLN A 761 -18.70 -5.75 31.36
C GLN A 761 -17.58 -5.53 32.38
N GLU A 762 -16.85 -6.61 32.70
CA GLU A 762 -15.72 -6.49 33.62
C GLU A 762 -14.63 -5.61 33.04
N TYR A 763 -14.34 -5.80 31.75
CA TYR A 763 -13.31 -5.01 31.08
C TYR A 763 -13.69 -3.55 30.90
N PHE A 764 -14.95 -3.29 30.52
CA PHE A 764 -15.40 -1.92 30.33
C PHE A 764 -15.26 -1.12 31.64
N LYS A 765 -15.73 -1.71 32.73
CA LYS A 765 -15.68 -1.08 34.05
C LYS A 765 -14.25 -0.70 34.39
N GLU A 766 -13.30 -1.60 34.11
CA GLU A 766 -11.89 -1.33 34.40
C GLU A 766 -11.31 -0.23 33.53
N PHE A 767 -11.60 -0.26 32.23
CA PHE A 767 -11.07 0.76 31.31
C PHE A 767 -11.54 2.17 31.67
N GLU A 768 -12.84 2.29 31.96
CA GLU A 768 -13.45 3.57 32.33
C GLU A 768 -12.81 4.15 33.58
N LYS A 769 -12.49 3.26 34.51
CA LYS A 769 -11.89 3.63 35.77
C LYS A 769 -10.44 4.11 35.63
N GLU A 770 -9.67 3.52 34.71
CA GLU A 770 -8.22 3.75 34.66
C GLU A 770 -7.70 4.64 33.52
N PHE A 771 -8.55 4.90 32.53
CA PHE A 771 -8.08 5.49 31.28
C PHE A 771 -7.41 6.87 31.42
N ARG A 772 -7.72 7.60 32.48
CA ARG A 772 -7.14 8.92 32.71
CA ARG A 772 -7.14 8.92 32.68
C ARG A 772 -5.63 8.86 32.95
N GLN A 773 -5.12 7.66 33.19
CA GLN A 773 -3.69 7.48 33.40
C GLN A 773 -2.95 7.29 32.07
N LEU A 774 -3.70 7.01 31.00
CA LEU A 774 -3.11 6.81 29.69
C LEU A 774 -2.36 8.04 29.19
N ASN A 775 -1.19 7.82 28.58
CA ASN A 775 -0.39 8.89 28.03
C ASN A 775 -1.18 9.69 26.98
N TYR A 776 -1.02 11.00 27.02
CA TYR A 776 -1.81 11.90 26.18
C TYR A 776 -1.76 11.53 24.69
N ILE A 777 -0.59 11.14 24.21
CA ILE A 777 -0.42 10.74 22.81
C ILE A 777 -1.27 9.53 22.45
N SER A 778 -1.26 8.52 23.31
CA SER A 778 -2.05 7.28 23.12
C SER A 778 -3.58 7.49 23.10
N ILE A 779 -4.03 8.63 23.62
CA ILE A 779 -5.46 8.93 23.62
C ILE A 779 -5.86 10.10 22.70
N ALA A 780 -4.88 10.66 21.99
CA ALA A 780 -5.18 11.70 21.01
C ALA A 780 -5.77 11.11 19.73
N SER A 781 -6.79 11.77 19.19
CA SER A 781 -7.30 11.41 17.86
C SER A 781 -6.33 11.86 16.79
N VAL A 782 -6.47 11.33 15.59
CA VAL A 782 -5.58 11.69 14.48
C VAL A 782 -6.40 12.08 13.26
N SER A 783 -5.95 13.11 12.56
CA SER A 783 -6.57 13.47 11.30
C SER A 783 -5.61 14.14 10.34
N SER A 784 -5.83 13.89 9.05
CA SER A 784 -5.18 14.67 8.01
C SER A 784 -5.73 16.08 8.10
N ALA A 785 -4.92 17.06 7.72
CA ALA A 785 -5.31 18.45 7.83
C ALA A 785 -5.16 19.17 6.51
N ASN A 786 -6.25 19.30 5.77
CA ASN A 786 -6.24 20.03 4.50
C ASN A 786 -6.94 21.39 4.63
N ASN A 787 -6.58 22.32 3.74
CA ASN A 787 -7.21 23.64 3.67
C ASN A 787 -7.18 24.48 4.94
N ILE A 788 -6.06 24.42 5.65
CA ILE A 788 -5.90 25.19 6.88
C ILE A 788 -6.09 26.70 6.65
N ALA A 789 -5.65 27.19 5.49
CA ALA A 789 -5.77 28.62 5.15
C ALA A 789 -7.22 29.04 4.88
N LYS A 790 -7.97 28.17 4.21
CA LYS A 790 -9.37 28.45 3.88
C LYS A 790 -10.23 28.79 5.10
N TYR A 791 -9.95 28.13 6.21
CA TYR A 791 -10.77 28.26 7.41
C TYR A 791 -10.18 29.22 8.45
N ASP A 792 -9.03 29.81 8.13
CA ASP A 792 -8.34 30.74 9.00
C ASP A 792 -8.81 32.17 8.70
N VAL A 793 -9.55 32.76 9.65
CA VAL A 793 -9.98 34.15 9.59
C VAL A 793 -9.30 34.90 10.73
N GLY A 794 -8.23 35.62 10.41
CA GLY A 794 -7.43 36.35 11.41
C GLY A 794 -7.05 35.53 12.63
N GLY A 795 -6.67 34.27 12.40
CA GLY A 795 -6.23 33.38 13.48
C GLY A 795 -7.33 32.59 14.17
N PHE A 796 -8.57 32.85 13.79
CA PHE A 796 -9.73 32.20 14.42
C PHE A 796 -10.56 31.42 13.39
N PRO A 797 -11.37 30.45 13.87
CA PRO A 797 -12.11 29.61 12.92
C PRO A 797 -13.14 30.40 12.12
N GLY A 798 -13.19 30.16 10.81
CA GLY A 798 -14.23 30.73 9.96
C GLY A 798 -15.43 29.82 9.94
N PRO A 799 -16.48 30.17 9.16
CA PRO A 799 -17.70 29.36 9.10
C PRO A 799 -17.42 27.93 8.64
N LYS A 800 -18.15 26.97 9.21
CA LYS A 800 -18.01 25.55 8.89
C LYS A 800 -16.63 24.96 9.18
N CYS A 801 -15.84 25.60 10.05
CA CYS A 801 -14.47 25.15 10.34
C CYS A 801 -14.47 23.74 10.94
N PRO A 802 -13.76 22.79 10.29
CA PRO A 802 -13.70 21.43 10.86
C PRO A 802 -13.02 21.42 12.22
N PHE A 803 -13.39 20.42 13.03
CA PHE A 803 -12.92 20.30 14.41
C PHE A 803 -11.41 20.24 14.52
N HIS A 804 -10.80 19.44 13.65
CA HIS A 804 -9.34 19.29 13.67
C HIS A 804 -8.66 20.54 13.20
N ILE A 805 -9.29 21.27 12.29
CA ILE A 805 -8.72 22.53 11.80
C ILE A 805 -8.77 23.59 12.89
N ARG A 806 -9.90 23.65 13.61
CA ARG A 806 -10.03 24.50 14.80
C ARG A 806 -8.88 24.24 15.79
N GLY A 807 -8.57 22.96 16.00
CA GLY A 807 -7.45 22.55 16.87
C GLY A 807 -6.13 23.13 16.42
N ILE A 808 -5.88 23.09 15.11
CA ILE A 808 -4.67 23.67 14.55
C ILE A 808 -4.58 25.18 14.78
N LEU A 809 -5.71 25.87 14.62
CA LEU A 809 -5.75 27.31 14.77
C LEU A 809 -5.49 27.70 16.22
N THR A 810 -6.01 26.89 17.14
CA THR A 810 -5.71 27.06 18.56
C THR A 810 -4.22 26.93 18.81
N TYR A 811 -3.63 25.86 18.27
CA TYR A 811 -2.19 25.64 18.36
C TYR A 811 -1.40 26.82 17.80
N ASN A 812 -1.78 27.28 16.61
CA ASN A 812 -1.09 28.39 15.95
C ASN A 812 -1.07 29.68 16.77
N ARG A 813 -2.18 29.98 17.45
CA ARG A 813 -2.24 31.14 18.37
C ARG A 813 -1.35 30.94 19.58
N ALA A 814 -1.39 29.73 20.15
CA ALA A 814 -0.59 29.39 21.33
C ALA A 814 0.92 29.48 21.08
N ILE A 815 1.37 29.16 19.87
CA ILE A 815 2.79 29.25 19.53
C ILE A 815 3.17 30.49 18.69
N LYS A 816 2.25 31.43 18.53
CA LYS A 816 2.46 32.60 17.66
C LYS A 816 3.76 33.34 17.99
N GLY A 817 4.47 33.73 16.93
CA GLY A 817 5.70 34.52 17.05
C GLY A 817 6.90 33.72 17.47
N ASN A 818 6.78 32.40 17.40
CA ASN A 818 7.82 31.49 17.83
C ASN A 818 8.33 30.66 16.65
N ILE A 819 9.47 31.06 16.10
CA ILE A 819 10.05 30.42 14.89
C ILE A 819 10.64 29.02 15.14
N ASP A 820 10.88 28.69 16.41
CA ASP A 820 11.47 27.40 16.80
C ASP A 820 10.44 26.31 17.14
N ALA A 821 9.18 26.70 17.33
CA ALA A 821 8.11 25.76 17.60
C ALA A 821 7.76 25.01 16.31
N PRO A 822 7.49 23.68 16.41
CA PRO A 822 7.09 22.91 15.22
C PRO A 822 5.83 23.45 14.56
N GLN A 823 5.89 23.69 13.26
CA GLN A 823 4.74 24.15 12.49
C GLN A 823 3.94 22.96 11.98
N VAL A 824 2.62 23.09 11.99
CA VAL A 824 1.72 22.13 11.36
C VAL A 824 1.86 22.27 9.83
N VAL A 825 1.99 21.14 9.14
CA VAL A 825 2.18 21.13 7.68
C VAL A 825 0.88 20.80 6.95
N GLU A 826 0.43 21.75 6.14
CA GLU A 826 -0.74 21.57 5.26
C GLU A 826 -0.67 20.22 4.56
N GLY A 827 -1.70 19.41 4.75
CA GLY A 827 -1.77 18.13 4.06
C GLY A 827 -1.23 16.96 4.87
N GLU A 828 -0.51 17.25 5.96
CA GLU A 828 0.00 16.20 6.84
C GLU A 828 -0.94 15.91 8.02
N LYS A 829 -0.59 14.95 8.88
CA LYS A 829 -1.49 14.55 9.96
C LYS A 829 -1.21 15.25 11.29
N VAL A 830 -2.28 15.48 12.05
CA VAL A 830 -2.18 16.05 13.38
C VAL A 830 -2.79 15.14 14.44
N TYR A 831 -2.21 15.17 15.66
CA TYR A 831 -2.90 14.69 16.86
C TYR A 831 -3.91 15.74 17.32
N VAL A 832 -5.08 15.30 17.77
CA VAL A 832 -6.15 16.20 18.22
C VAL A 832 -6.63 15.85 19.63
N LEU A 833 -6.68 16.85 20.52
CA LEU A 833 -7.24 16.69 21.86
C LEU A 833 -8.30 17.74 22.19
N PRO A 834 -9.42 17.30 22.81
CA PRO A 834 -10.43 18.21 23.32
C PRO A 834 -9.95 18.91 24.59
N LEU A 835 -10.39 20.15 24.79
CA LEU A 835 -9.99 20.93 25.96
C LEU A 835 -11.22 21.27 26.80
N ARG A 836 -11.06 21.28 28.12
CA ARG A 836 -12.19 21.59 29.00
C ARG A 836 -12.54 23.07 28.98
N GLU A 837 -13.80 23.37 29.29
CA GLU A 837 -14.31 24.73 29.41
C GLU A 837 -13.41 25.60 30.29
N GLY A 838 -13.11 26.80 29.81
CA GLY A 838 -12.36 27.81 30.57
C GLY A 838 -10.85 27.68 30.53
N ASN A 839 -10.34 26.95 29.54
CA ASN A 839 -8.90 26.77 29.35
C ASN A 839 -8.25 28.04 28.77
N PRO A 840 -6.93 28.22 29.00
CA PRO A 840 -6.23 29.41 28.55
C PRO A 840 -5.99 29.46 27.04
N PHE A 841 -6.33 28.39 26.33
CA PHE A 841 -6.14 28.35 24.88
C PHE A 841 -7.32 28.98 24.14
N GLY A 842 -8.41 29.20 24.87
CA GLY A 842 -9.56 29.94 24.36
C GLY A 842 -10.37 29.23 23.29
N ASP A 843 -10.30 27.90 23.26
CA ASP A 843 -11.15 27.08 22.39
C ASP A 843 -11.21 25.63 22.89
N LYS A 844 -12.05 24.83 22.24
CA LYS A 844 -12.44 23.52 22.76
C LYS A 844 -11.53 22.35 22.36
N CYS A 845 -10.52 22.63 21.54
CA CYS A 845 -9.57 21.60 21.12
C CYS A 845 -8.27 22.21 20.65
N ILE A 846 -7.23 21.38 20.65
CA ILE A 846 -5.93 21.76 20.14
C ILE A 846 -5.36 20.59 19.34
N ALA A 847 -4.60 20.92 18.30
CA ALA A 847 -4.00 19.93 17.43
C ALA A 847 -2.52 20.25 17.23
N TRP A 848 -1.70 19.23 17.02
CA TRP A 848 -0.26 19.41 16.76
C TRP A 848 0.24 18.32 15.84
N PRO A 849 1.47 18.45 15.28
CA PRO A 849 1.88 17.44 14.28
C PRO A 849 1.95 16.03 14.84
N SER A 850 1.39 15.06 14.13
CA SER A 850 1.36 13.68 14.60
C SER A 850 2.76 13.08 14.63
N GLY A 851 2.95 12.03 15.42
CA GLY A 851 4.24 11.39 15.62
C GLY A 851 5.19 12.20 16.49
N THR A 852 4.72 13.32 17.02
CA THR A 852 5.56 14.17 17.86
C THR A 852 4.92 14.42 19.23
N GLU A 853 5.79 14.72 20.20
CA GLU A 853 5.39 15.28 21.47
C GLU A 853 5.06 16.75 21.22
N ILE A 854 4.00 17.25 21.86
CA ILE A 854 3.70 18.67 21.73
C ILE A 854 4.82 19.50 22.39
N THR A 855 5.17 20.62 21.77
CA THR A 855 6.25 21.49 22.24
C THR A 855 6.12 21.83 23.73
N ASP A 856 7.25 21.82 24.43
CA ASP A 856 7.31 22.07 25.88
C ASP A 856 6.71 23.40 26.32
N LEU A 857 6.73 24.38 25.41
CA LEU A 857 6.10 25.69 25.66
C LEU A 857 4.66 25.59 26.16
N ILE A 858 3.92 24.58 25.69
CA ILE A 858 2.49 24.48 26.01
C ILE A 858 2.06 23.10 26.53
N LYS A 859 2.98 22.14 26.55
CA LYS A 859 2.66 20.76 26.94
C LYS A 859 1.93 20.67 28.28
N ASP A 860 2.50 21.31 29.31
CA ASP A 860 1.98 21.22 30.67
C ASP A 860 0.55 21.78 30.76
N ASP A 861 0.24 22.81 30.00
CA ASP A 861 -1.09 23.40 29.94
C ASP A 861 -2.09 22.48 29.25
N VAL A 862 -1.67 21.85 28.15
CA VAL A 862 -2.52 20.89 27.43
C VAL A 862 -2.88 19.72 28.34
N LEU A 863 -1.89 19.14 29.01
CA LEU A 863 -2.13 18.02 29.93
C LEU A 863 -3.11 18.40 31.04
N HIS A 864 -2.97 19.63 31.53
CA HIS A 864 -3.78 20.16 32.62
C HIS A 864 -5.21 20.36 32.21
N TRP A 865 -5.43 20.74 30.96
CA TRP A 865 -6.76 21.08 30.45
C TRP A 865 -7.42 20.08 29.52
N MET A 866 -6.75 18.96 29.26
CA MET A 866 -7.27 17.86 28.45
C MET A 866 -8.62 17.39 28.95
N ASP A 867 -9.60 17.29 28.06
CA ASP A 867 -10.92 16.83 28.46
C ASP A 867 -11.06 15.30 28.33
N TYR A 868 -10.70 14.60 29.41
CA TYR A 868 -10.76 13.15 29.43
C TYR A 868 -12.18 12.63 29.27
N THR A 869 -13.15 13.34 29.83
CA THR A 869 -14.56 12.93 29.75
C THR A 869 -15.08 12.96 28.30
N VAL A 870 -14.80 14.04 27.59
CA VAL A 870 -15.22 14.19 26.19
C VAL A 870 -14.49 13.14 25.34
N LEU A 871 -13.19 13.03 25.56
CA LEU A 871 -12.35 12.07 24.87
C LEU A 871 -12.93 10.63 24.99
N LEU A 872 -13.24 10.23 26.21
CA LEU A 872 -13.77 8.90 26.47
C LEU A 872 -15.09 8.64 25.76
N GLU A 873 -16.02 9.58 25.86
CA GLU A 873 -17.35 9.43 25.28
C GLU A 873 -17.29 9.33 23.76
N LYS A 874 -16.47 10.17 23.15
CA LYS A 874 -16.40 10.28 21.69
C LYS A 874 -15.67 9.14 20.99
N THR A 875 -14.58 8.67 21.60
CA THR A 875 -13.68 7.74 20.93
C THR A 875 -13.90 6.30 21.40
N PHE A 876 -14.39 6.15 22.62
CA PHE A 876 -14.55 4.82 23.20
C PHE A 876 -16.02 4.41 23.40
N ILE A 877 -16.75 5.14 24.24
CA ILE A 877 -18.11 4.76 24.61
C ILE A 877 -19.09 4.73 23.42
N LYS A 878 -19.09 5.80 22.63
CA LYS A 878 -19.95 5.86 21.44
C LYS A 878 -19.76 4.66 20.50
N PRO A 879 -18.52 4.36 20.05
CA PRO A 879 -18.36 3.17 19.19
C PRO A 879 -18.73 1.88 19.91
N LEU A 880 -18.32 1.74 21.16
CA LEU A 880 -18.70 0.56 21.93
C LEU A 880 -20.23 0.37 22.02
N GLU A 881 -20.94 1.48 22.26
CA GLU A 881 -22.41 1.49 22.26
C GLU A 881 -22.97 1.00 20.92
N GLY A 882 -22.34 1.44 19.84
CA GLY A 882 -22.66 0.93 18.51
C GLY A 882 -22.44 -0.57 18.42
N PHE A 883 -21.31 -1.08 18.88
CA PHE A 883 -21.02 -2.51 18.77
C PHE A 883 -22.04 -3.33 19.55
N THR A 884 -22.29 -2.91 20.79
CA THR A 884 -23.10 -3.70 21.73
C THR A 884 -24.59 -3.71 21.41
N SER A 885 -25.15 -2.58 20.99
CA SER A 885 -26.55 -2.57 20.54
C SER A 885 -26.74 -3.47 19.32
N ALA A 886 -25.81 -3.37 18.36
CA ALA A 886 -25.86 -4.22 17.18
C ALA A 886 -25.84 -5.70 17.58
N ALA A 887 -24.96 -6.05 18.52
CA ALA A 887 -24.82 -7.41 19.03
C ALA A 887 -25.89 -7.83 20.05
N LYS A 888 -26.75 -6.89 20.46
CA LYS A 888 -27.80 -7.15 21.46
C LYS A 888 -27.23 -7.59 22.82
N LEU A 889 -26.27 -6.80 23.30
CA LEU A 889 -25.52 -7.04 24.53
C LEU A 889 -25.48 -5.73 25.30
N ASP A 890 -25.23 -5.79 26.61
CA ASP A 890 -25.02 -4.58 27.39
C ASP A 890 -23.60 -4.49 27.91
N TYR A 891 -22.97 -3.32 27.78
CA TYR A 891 -21.60 -3.15 28.28
C TYR A 891 -21.58 -2.79 29.77
N GLU A 892 -22.76 -2.51 30.32
CA GLU A 892 -22.92 -2.28 31.75
C GLU A 892 -24.04 -3.14 32.26
N LYS A 893 -23.80 -3.82 33.38
CA LYS A 893 -24.78 -4.76 33.94
C LYS A 893 -26.07 -4.04 34.35
N LYS A 894 -27.19 -4.51 33.80
CA LYS A 894 -28.51 -3.99 34.18
C LYS A 894 -28.96 -4.59 35.51
N ALA A 895 -29.68 -3.80 36.29
CA ALA A 895 -30.20 -4.24 37.59
C ALA A 895 -31.16 -5.43 37.44
N SER A 896 -31.14 -6.34 38.42
CA SER A 896 -32.03 -7.49 38.42
C SER A 896 -32.65 -7.72 39.80
N LEU A 897 -33.59 -8.65 39.87
CA LEU A 897 -34.26 -9.02 41.12
C LEU A 897 -33.29 -9.64 42.13
N PHE A 898 -32.14 -10.10 41.64
CA PHE A 898 -31.12 -10.67 42.51
C PHE A 898 -30.39 -9.63 43.37
N ASP A 899 -30.46 -8.37 42.96
CA ASP A 899 -29.89 -7.26 43.72
C ASP A 899 -30.56 -7.09 45.10
N MET A 900 -31.70 -7.73 45.29
CA MET A 900 -32.39 -7.77 46.59
C MET A 900 -31.58 -8.55 47.62
N PHE A 901 -30.52 -9.21 47.13
CA PHE A 901 -29.61 -10.00 47.96
C PHE A 901 -28.17 -9.52 47.80
PA TTP D . -10.85 -8.18 -3.26
O1A TTP D . -10.18 -7.44 -2.14
O2A TTP D . -11.72 -9.38 -2.99
O3A TTP D . -9.64 -8.54 -4.28
PB TTP D . -9.52 -9.65 -5.44
O1B TTP D . -8.89 -8.89 -6.57
O2B TTP D . -10.79 -10.42 -5.63
O3B TTP D . -8.35 -10.59 -4.86
PG TTP D . -8.45 -11.88 -3.90
O1G TTP D . -9.82 -11.94 -3.29
O2G TTP D . -8.19 -13.00 -4.87
O3G TTP D . -7.30 -11.68 -2.95
O5' TTP D . -11.63 -7.04 -4.11
C5' TTP D . -12.62 -7.30 -5.11
C4' TTP D . -12.47 -6.29 -6.25
O4' TTP D . -12.53 -4.93 -5.77
C3' TTP D . -11.11 -6.38 -6.93
O3' TTP D . -11.01 -7.45 -7.88
C2' TTP D . -10.94 -5.00 -7.53
C1' TTP D . -11.61 -4.10 -6.50
N1 TTP D . -10.58 -3.56 -5.59
C2 TTP D . -9.93 -2.36 -5.94
O2 TTP D . -10.27 -1.78 -7.00
N3 TTP D . -8.96 -1.82 -5.17
C4 TTP D . -8.60 -2.43 -4.04
O4 TTP D . -7.70 -1.94 -3.32
C5 TTP D . -9.25 -3.70 -3.64
C5M TTP D . -8.85 -4.42 -2.37
C6 TTP D . -10.24 -4.21 -4.46
CA CA E . -11.91 -11.51 -3.89
CA CA F . -13.61 -9.92 -1.18
CA CA G . 9.18 -30.04 21.78
CA CA H . -9.56 -16.70 -1.87
CA CA I . 17.64 14.12 10.53
#